data_8V36
#
_entry.id   8V36
#
_cell.length_a   77.307
_cell.length_b   87.556
_cell.length_c   134.197
_cell.angle_alpha   90.000
_cell.angle_beta   90.000
_cell.angle_gamma   90.000
#
_symmetry.space_group_name_H-M   'P 21 21 21'
#
loop_
_entity.id
_entity.type
_entity.pdbx_description
1 polymer 'Sulfopropanediol 3-dehydrogenase'
2 non-polymer 'ZINC ION'
3 non-polymer '1,4-DIHYDRONICOTINAMIDE ADENINE DINUCLEOTIDE'
4 water water
#
_entity_poly.entity_id   1
_entity_poly.type   'polypeptide(L)'
_entity_poly.pdbx_seq_one_letter_code
;GMISYLKKAEKTPQTETATAQKVVTEMLAEIQARGKDAVRQYAKQLDGWSGDIVLTPDQIREQTKDVPAGVRADIDFAIR
QVTDFALAQRESLKEFSVELHPGVTAGQRVLPVNVVGCYAPAGRYAHIASAYMGVATAKAAGVKTVVACSSPFRGQGIHP
HVLYAFQAAGADVIMALGGVQAIASMAYGLFTGKPADVVVGPGNKFVAEAKRSLYGQVGIDVFAGPSEVAVIADETADPA
IVASDLVGQAEHGHESPAWLFTTSRDLADRVMALVPELIAKLPPTARDAATAAWRDYGEVILCGTREEVVEISDRYASEH
LEVHTADLDWWLANLTCYGSLFLGEETTVAFGDKTSGPNHVLPTKGAARYSGGLSVHKFMKTLTWQQMTREATRQIGQVT
ARISRLEGMEAHARTADDRMAKYFPNASFEMGTPVEV
;
_entity_poly.pdbx_strand_id   A,B
#
# COMPACT_ATOMS: atom_id res chain seq x y z
N MET A 2 -14.93 26.20 18.59
CA MET A 2 -14.03 27.34 18.94
C MET A 2 -12.97 27.54 17.85
N ILE A 3 -13.15 26.91 16.69
CA ILE A 3 -12.12 26.91 15.65
C ILE A 3 -12.11 28.27 14.95
N SER A 4 -10.98 28.97 15.03
CA SER A 4 -10.87 30.32 14.50
C SER A 4 -9.56 30.47 13.72
N TYR A 5 -9.69 30.85 12.45
CA TYR A 5 -8.55 31.04 11.56
C TYR A 5 -8.00 32.45 11.75
N LEU A 6 -7.06 32.61 12.70
CA LEU A 6 -6.40 33.88 12.91
C LEU A 6 -5.62 34.28 11.67
N LYS A 7 -5.05 33.29 10.98
CA LYS A 7 -4.54 33.47 9.62
C LYS A 7 -5.08 32.33 8.77
N LYS A 8 -5.46 32.65 7.53
CA LYS A 8 -6.18 31.71 6.69
C LYS A 8 -5.41 31.49 5.40
N ALA A 9 -5.65 30.33 4.77
CA ALA A 9 -5.12 30.05 3.46
C ALA A 9 -5.67 31.08 2.47
N GLU A 10 -4.79 31.94 1.94
CA GLU A 10 -5.20 32.98 1.01
C GLU A 10 -5.00 32.51 -0.43
N LYS A 11 -4.95 31.19 -0.62
CA LYS A 11 -4.80 30.58 -1.95
C LYS A 11 -5.45 29.19 -1.91
N THR A 12 -5.38 28.48 -3.03
CA THR A 12 -5.82 27.09 -3.10
C THR A 12 -4.74 26.28 -3.84
N PRO A 13 -4.68 24.94 -3.63
CA PRO A 13 -3.76 24.09 -4.37
C PRO A 13 -4.11 24.03 -5.87
N GLU A 16 -3.66 20.25 -11.51
CA GLU A 16 -2.86 19.31 -12.34
C GLU A 16 -3.01 19.69 -13.82
N THR A 17 -2.36 18.91 -14.70
CA THR A 17 -2.41 19.14 -16.13
C THR A 17 -2.43 17.81 -16.88
N ALA A 18 -3.00 17.85 -18.09
CA ALA A 18 -2.94 16.74 -19.02
C ALA A 18 -1.61 16.75 -19.76
N THR A 19 -0.86 17.86 -19.63
CA THR A 19 0.40 18.06 -20.32
C THR A 19 1.38 16.94 -19.97
N ALA A 20 1.42 16.58 -18.68
CA ALA A 20 2.30 15.54 -18.18
C ALA A 20 1.93 14.18 -18.81
N GLN A 21 0.63 13.90 -18.88
CA GLN A 21 0.13 12.65 -19.45
C GLN A 21 0.60 12.48 -20.89
N LYS A 22 0.46 13.54 -21.70
CA LYS A 22 0.80 13.45 -23.12
C LYS A 22 2.24 12.98 -23.26
N VAL A 23 3.14 13.70 -22.58
CA VAL A 23 4.57 13.50 -22.70
C VAL A 23 4.90 12.06 -22.31
N VAL A 24 4.43 11.64 -21.13
CA VAL A 24 4.77 10.34 -20.58
C VAL A 24 4.29 9.24 -21.53
N THR A 25 3.03 9.34 -21.98
CA THR A 25 2.45 8.32 -22.85
C THR A 25 3.30 8.19 -24.11
N GLU A 26 3.59 9.35 -24.72
CA GLU A 26 4.40 9.40 -25.93
C GLU A 26 5.79 8.84 -25.63
N MET A 27 6.36 9.25 -24.50
CA MET A 27 7.73 8.93 -24.15
C MET A 27 7.87 7.44 -23.83
N LEU A 28 6.90 6.90 -23.08
CA LEU A 28 6.91 5.49 -22.71
C LEU A 28 6.69 4.62 -23.95
N ALA A 29 5.70 4.98 -24.78
CA ALA A 29 5.48 4.32 -26.06
C ALA A 29 6.81 4.18 -26.79
N GLU A 30 7.57 5.28 -26.85
CA GLU A 30 8.83 5.33 -27.60
C GLU A 30 9.87 4.44 -26.94
N ILE A 31 10.00 4.51 -25.61
CA ILE A 31 11.05 3.76 -24.92
C ILE A 31 10.72 2.27 -24.97
N GLN A 32 9.43 1.92 -24.92
CA GLN A 32 8.99 0.56 -25.16
C GLN A 32 9.46 0.07 -26.53
N ALA A 33 9.25 0.89 -27.57
CA ALA A 33 9.65 0.52 -28.91
C ALA A 33 11.16 0.32 -28.99
N ARG A 34 11.93 1.35 -28.58
CA ARG A 34 13.32 1.46 -28.99
C ARG A 34 14.29 1.11 -27.85
N GLY A 35 13.83 1.17 -26.60
CA GLY A 35 14.66 0.81 -25.47
C GLY A 35 15.78 1.83 -25.23
N LYS A 36 17.03 1.34 -25.15
CA LYS A 36 18.17 2.11 -24.71
C LYS A 36 18.43 3.30 -25.64
N ASP A 37 18.26 3.07 -26.95
CA ASP A 37 18.58 4.08 -27.96
C ASP A 37 17.68 5.29 -27.77
N ALA A 38 16.41 5.05 -27.44
CA ALA A 38 15.46 6.12 -27.21
C ALA A 38 15.83 6.86 -25.93
N VAL A 39 16.30 6.12 -24.92
CA VAL A 39 16.68 6.71 -23.65
C VAL A 39 17.83 7.68 -23.88
N ARG A 40 18.88 7.22 -24.58
CA ARG A 40 20.03 8.05 -24.90
C ARG A 40 19.61 9.28 -25.71
N GLN A 41 18.65 9.10 -26.63
CA GLN A 41 18.21 10.18 -27.49
C GLN A 41 17.47 11.23 -26.66
N TYR A 42 16.59 10.79 -25.76
CA TYR A 42 15.88 11.71 -24.89
C TYR A 42 16.89 12.46 -24.01
N ALA A 43 17.90 11.73 -23.51
CA ALA A 43 18.94 12.32 -22.68
C ALA A 43 19.61 13.48 -23.42
N LYS A 44 19.90 13.29 -24.70
CA LYS A 44 20.56 14.29 -25.52
C LYS A 44 19.60 15.44 -25.83
N GLN A 45 18.37 15.14 -26.23
CA GLN A 45 17.40 16.17 -26.62
C GLN A 45 16.95 17.00 -25.42
N LEU A 46 16.79 16.38 -24.24
CA LEU A 46 16.21 17.04 -23.09
C LEU A 46 17.30 17.65 -22.22
N ASP A 47 18.40 16.91 -22.00
CA ASP A 47 19.42 17.28 -21.03
C ASP A 47 20.73 17.68 -21.72
N GLY A 48 20.83 17.50 -23.05
CA GLY A 48 22.05 17.80 -23.78
C GLY A 48 23.18 16.84 -23.44
N TRP A 49 22.84 15.63 -22.96
CA TRP A 49 23.80 14.69 -22.41
C TRP A 49 24.20 13.65 -23.45
N SER A 50 25.52 13.43 -23.60
CA SER A 50 26.06 12.48 -24.56
C SER A 50 27.03 11.50 -23.91
N GLY A 51 27.18 11.55 -22.58
CA GLY A 51 28.11 10.68 -21.87
C GLY A 51 27.58 9.26 -21.70
N ASP A 52 28.31 8.47 -20.90
CA ASP A 52 27.86 7.15 -20.49
C ASP A 52 26.66 7.29 -19.56
N ILE A 53 25.84 6.23 -19.50
CA ILE A 53 24.67 6.21 -18.65
C ILE A 53 25.03 5.53 -17.32
N VAL A 54 25.55 4.31 -17.39
CA VAL A 54 25.86 3.54 -16.19
C VAL A 54 27.24 3.92 -15.67
N LEU A 55 27.30 4.52 -14.47
CA LEU A 55 28.55 4.86 -13.84
C LEU A 55 29.29 3.57 -13.46
N THR A 56 30.62 3.64 -13.44
CA THR A 56 31.48 2.54 -13.03
C THR A 56 32.06 2.90 -11.66
N PRO A 57 32.53 1.92 -10.86
CA PRO A 57 33.15 2.23 -9.56
C PRO A 57 34.18 3.34 -9.66
N ASP A 58 34.92 3.38 -10.77
CA ASP A 58 36.01 4.33 -10.95
C ASP A 58 35.45 5.75 -11.10
N GLN A 59 34.45 5.91 -11.98
CA GLN A 59 33.84 7.21 -12.23
C GLN A 59 33.12 7.73 -10.99
N ILE A 60 32.54 6.81 -10.20
CA ILE A 60 31.91 7.15 -8.94
C ILE A 60 32.98 7.73 -8.01
N ARG A 61 34.10 7.01 -7.89
CA ARG A 61 35.21 7.39 -7.03
C ARG A 61 35.82 8.71 -7.52
N GLU A 62 35.92 8.86 -8.84
CA GLU A 62 36.54 10.02 -9.45
C GLU A 62 35.67 11.26 -9.26
N GLN A 63 34.36 11.13 -9.50
CA GLN A 63 33.45 12.27 -9.54
C GLN A 63 33.13 12.78 -8.13
N THR A 64 33.53 12.04 -7.09
CA THR A 64 33.26 12.42 -5.71
C THR A 64 34.55 12.76 -4.96
N LYS A 65 35.68 12.82 -5.68
CA LYS A 65 36.99 12.93 -5.05
C LYS A 65 37.18 14.31 -4.41
N ASP A 66 36.42 15.31 -4.86
CA ASP A 66 36.53 16.67 -4.33
C ASP A 66 35.54 16.91 -3.19
N VAL A 67 34.73 15.90 -2.81
CA VAL A 67 33.87 16.04 -1.66
C VAL A 67 34.71 15.82 -0.41
N PRO A 68 34.94 16.86 0.42
CA PRO A 68 35.84 16.75 1.57
C PRO A 68 35.32 15.84 2.67
N ALA A 69 36.26 15.33 3.49
CA ALA A 69 36.01 14.28 4.46
C ALA A 69 34.95 14.69 5.47
N GLY A 70 34.88 16.00 5.77
CA GLY A 70 33.95 16.54 6.73
C GLY A 70 32.51 16.53 6.20
N VAL A 71 32.36 16.79 4.90
CA VAL A 71 31.05 16.73 4.27
C VAL A 71 30.61 15.27 4.18
N ARG A 72 31.56 14.40 3.86
CA ARG A 72 31.29 12.97 3.77
C ARG A 72 30.83 12.44 5.12
N ALA A 73 31.50 12.87 6.21
CA ALA A 73 31.23 12.33 7.54
C ALA A 73 29.81 12.69 7.98
N ASP A 74 29.37 13.90 7.63
CA ASP A 74 28.05 14.40 7.95
C ASP A 74 26.98 13.62 7.19
N ILE A 75 27.21 13.37 5.90
CA ILE A 75 26.27 12.60 5.11
C ILE A 75 26.24 11.16 5.61
N ASP A 76 27.40 10.60 5.94
CA ASP A 76 27.48 9.25 6.50
C ASP A 76 26.63 9.15 7.77
N PHE A 77 26.73 10.17 8.62
CA PHE A 77 26.02 10.22 9.87
C PHE A 77 24.50 10.22 9.63
N ALA A 78 24.04 11.20 8.84
CA ALA A 78 22.63 11.35 8.50
C ALA A 78 22.08 10.05 7.91
N ILE A 79 22.90 9.36 7.10
CA ILE A 79 22.46 8.14 6.45
C ILE A 79 22.31 7.03 7.48
N ARG A 80 23.22 6.95 8.44
CA ARG A 80 23.15 5.88 9.42
C ARG A 80 21.87 6.01 10.25
N GLN A 81 21.42 7.24 10.51
CA GLN A 81 20.19 7.46 11.26
C GLN A 81 19.03 6.78 10.53
N VAL A 82 18.92 7.02 9.23
CA VAL A 82 17.84 6.46 8.45
C VAL A 82 17.95 4.94 8.48
N THR A 83 19.15 4.42 8.27
CA THR A 83 19.41 2.98 8.25
C THR A 83 18.99 2.34 9.58
N ASP A 84 19.32 3.01 10.70
CA ASP A 84 19.12 2.40 12.01
C ASP A 84 17.62 2.32 12.31
N PHE A 85 16.86 3.34 11.93
CA PHE A 85 15.41 3.29 12.12
C PHE A 85 14.82 2.21 11.22
N ALA A 86 15.33 2.13 9.99
CA ALA A 86 14.81 1.25 8.96
C ALA A 86 15.01 -0.21 9.35
N LEU A 87 16.19 -0.54 9.89
CA LEU A 87 16.46 -1.89 10.36
C LEU A 87 15.48 -2.23 11.48
N ALA A 88 15.24 -1.29 12.39
CA ALA A 88 14.34 -1.55 13.51
C ALA A 88 12.94 -1.78 12.96
N GLN A 89 12.54 -0.97 11.98
CA GLN A 89 11.20 -1.04 11.42
C GLN A 89 11.02 -2.35 10.65
N ARG A 90 12.09 -2.87 10.04
CA ARG A 90 12.00 -4.14 9.34
C ARG A 90 11.70 -5.27 10.32
N GLU A 91 12.24 -5.19 11.54
CA GLU A 91 12.08 -6.27 12.51
C GLU A 91 10.66 -6.25 13.10
N SER A 92 9.89 -5.19 12.82
CA SER A 92 8.56 -5.03 13.39
C SER A 92 7.50 -5.78 12.59
N LEU A 93 7.85 -6.37 11.44
CA LEU A 93 6.91 -7.17 10.68
C LEU A 93 7.37 -8.62 10.68
N LYS A 94 6.70 -9.45 11.48
CA LYS A 94 7.19 -10.79 11.77
C LYS A 94 6.61 -11.80 10.77
N GLU A 95 7.36 -12.89 10.55
CA GLU A 95 6.81 -14.11 10.00
C GLU A 95 6.14 -14.90 11.13
N PHE A 96 5.15 -15.73 10.79
CA PHE A 96 4.54 -16.63 11.76
C PHE A 96 3.88 -17.78 11.01
N SER A 97 3.62 -18.86 11.74
CA SER A 97 2.63 -19.84 11.35
C SER A 97 1.64 -20.00 12.50
N VAL A 98 0.42 -20.44 12.20
CA VAL A 98 -0.60 -20.61 13.21
C VAL A 98 -1.41 -21.85 12.87
N GLU A 99 -1.82 -22.63 13.88
CA GLU A 99 -2.80 -23.69 13.70
C GLU A 99 -4.20 -23.09 13.74
N LEU A 100 -5.02 -23.42 12.74
CA LEU A 100 -6.41 -23.02 12.69
C LEU A 100 -7.28 -24.22 13.10
N HIS A 101 -8.22 -24.64 12.25
CA HIS A 101 -8.88 -25.92 12.48
C HIS A 101 -7.79 -26.98 12.65
N PRO A 102 -7.91 -27.94 13.60
CA PRO A 102 -6.86 -28.94 13.83
C PRO A 102 -6.41 -29.63 12.53
N GLY A 103 -5.08 -29.74 12.37
CA GLY A 103 -4.47 -30.25 11.15
C GLY A 103 -4.24 -29.18 10.08
N VAL A 104 -4.77 -27.97 10.27
CA VAL A 104 -4.53 -26.86 9.35
C VAL A 104 -3.44 -25.94 9.90
N THR A 105 -2.47 -25.63 9.05
CA THR A 105 -1.42 -24.66 9.35
C THR A 105 -1.47 -23.57 8.30
N ALA A 106 -1.39 -22.32 8.75
CA ALA A 106 -1.34 -21.18 7.86
C ALA A 106 -0.29 -20.21 8.37
N GLY A 107 0.25 -19.39 7.48
CA GLY A 107 1.38 -18.57 7.85
C GLY A 107 1.52 -17.34 6.97
N GLN A 108 2.44 -16.48 7.41
CA GLN A 108 2.85 -15.30 6.66
C GLN A 108 4.36 -15.36 6.46
N ARG A 109 4.78 -15.36 5.20
CA ARG A 109 6.17 -15.07 4.85
C ARG A 109 6.33 -13.58 4.59
N VAL A 110 7.50 -13.07 4.99
CA VAL A 110 7.86 -11.68 4.77
C VAL A 110 9.20 -11.64 4.03
N LEU A 111 9.19 -11.14 2.80
CA LEU A 111 10.42 -11.06 2.03
C LEU A 111 10.49 -9.72 1.31
N PRO A 112 11.71 -9.20 1.09
CA PRO A 112 11.89 -7.94 0.35
C PRO A 112 11.66 -8.18 -1.14
N VAL A 113 11.20 -7.14 -1.85
CA VAL A 113 11.15 -7.18 -3.30
C VAL A 113 12.59 -7.32 -3.81
N ASN A 114 12.76 -7.71 -5.08
CA ASN A 114 14.06 -8.03 -5.63
C ASN A 114 14.80 -6.75 -6.02
N VAL A 115 14.08 -5.80 -6.61
CA VAL A 115 14.70 -4.65 -7.25
C VAL A 115 13.88 -3.40 -6.95
N VAL A 116 14.56 -2.38 -6.41
CA VAL A 116 13.97 -1.07 -6.19
C VAL A 116 14.76 -0.04 -7.00
N GLY A 117 14.02 0.83 -7.69
CA GLY A 117 14.60 1.99 -8.37
C GLY A 117 14.38 3.23 -7.52
N CYS A 118 15.43 4.05 -7.37
CA CYS A 118 15.37 5.29 -6.62
C CYS A 118 15.72 6.45 -7.54
N TYR A 119 14.87 7.48 -7.59
CA TYR A 119 15.18 8.69 -8.33
C TYR A 119 15.45 9.80 -7.33
N ALA A 120 16.46 10.62 -7.66
CA ALA A 120 16.85 11.80 -6.88
C ALA A 120 16.86 13.01 -7.80
N PRO A 121 15.99 14.02 -7.56
CA PRO A 121 15.86 15.17 -8.46
C PRO A 121 17.16 15.95 -8.61
N ALA A 122 17.94 16.03 -7.52
CA ALA A 122 19.26 16.61 -7.53
C ALA A 122 19.26 18.00 -8.17
N GLY A 123 18.10 18.66 -8.21
CA GLY A 123 18.02 20.06 -8.60
C GLY A 123 18.67 20.94 -7.53
N ARG A 124 18.21 22.18 -7.43
CA ARG A 124 18.80 23.14 -6.52
C ARG A 124 18.14 23.02 -5.16
N TYR A 125 16.84 23.35 -5.09
CA TYR A 125 16.13 23.51 -3.84
C TYR A 125 15.62 22.14 -3.38
N ALA A 126 16.55 21.18 -3.28
CA ALA A 126 16.24 19.82 -2.88
C ALA A 126 17.31 19.35 -1.89
N HIS A 127 16.87 18.64 -0.85
CA HIS A 127 17.75 18.14 0.20
C HIS A 127 18.54 16.94 -0.32
N ILE A 128 19.82 16.85 0.09
CA ILE A 128 20.66 15.66 -0.13
C ILE A 128 19.89 14.43 0.34
N ALA A 129 19.08 14.61 1.40
CA ALA A 129 18.29 13.53 1.97
C ALA A 129 17.48 12.78 0.91
N SER A 130 17.02 13.50 -0.12
CA SER A 130 16.22 12.90 -1.18
C SER A 130 17.01 11.83 -1.93
N ALA A 131 18.33 11.94 -1.95
CA ALA A 131 19.16 10.95 -2.65
C ALA A 131 19.26 9.67 -1.83
N TYR A 132 19.41 9.78 -0.51
CA TYR A 132 19.81 8.62 0.29
C TYR A 132 18.60 7.94 0.92
N MET A 133 17.47 8.64 1.10
CA MET A 133 16.39 8.10 1.91
C MET A 133 15.81 6.83 1.27
N GLY A 134 15.48 6.89 -0.02
CA GLY A 134 15.05 5.73 -0.78
C GLY A 134 16.09 4.60 -0.75
N VAL A 135 17.33 4.90 -1.12
CA VAL A 135 18.34 3.87 -1.30
C VAL A 135 18.61 3.18 0.03
N ALA A 136 18.83 3.96 1.08
CA ALA A 136 19.19 3.45 2.38
C ALA A 136 18.07 2.58 2.95
N THR A 137 16.83 3.02 2.73
CA THR A 137 15.65 2.31 3.21
C THR A 137 15.53 0.96 2.50
N ALA A 138 15.68 0.96 1.18
CA ALA A 138 15.57 -0.26 0.39
C ALA A 138 16.62 -1.28 0.84
N LYS A 139 17.86 -0.83 1.04
CA LYS A 139 18.92 -1.73 1.46
C LYS A 139 18.63 -2.29 2.84
N ALA A 140 18.21 -1.42 3.76
CA ALA A 140 17.85 -1.84 5.11
C ALA A 140 16.70 -2.85 5.06
N ALA A 141 15.81 -2.71 4.08
CA ALA A 141 14.71 -3.64 3.91
C ALA A 141 15.22 -5.01 3.49
N GLY A 142 16.46 -5.08 2.98
CA GLY A 142 17.04 -6.31 2.47
C GLY A 142 16.85 -6.47 0.96
N VAL A 143 16.44 -5.40 0.26
CA VAL A 143 16.37 -5.41 -1.20
C VAL A 143 17.77 -5.63 -1.75
N LYS A 144 17.96 -6.68 -2.56
CA LYS A 144 19.28 -7.10 -2.97
C LYS A 144 19.84 -6.20 -4.07
N THR A 145 18.95 -5.59 -4.89
CA THR A 145 19.39 -4.71 -5.97
C THR A 145 18.68 -3.37 -5.92
N VAL A 146 19.48 -2.30 -5.76
CA VAL A 146 18.96 -0.94 -5.77
C VAL A 146 19.62 -0.17 -6.90
N VAL A 147 18.81 0.27 -7.85
CA VAL A 147 19.25 1.11 -8.96
C VAL A 147 18.89 2.55 -8.60
N ALA A 148 19.90 3.44 -8.62
CA ALA A 148 19.70 4.85 -8.36
C ALA A 148 19.99 5.67 -9.62
N CYS A 149 19.08 6.60 -9.93
CA CYS A 149 19.23 7.52 -11.04
C CYS A 149 19.13 8.95 -10.52
N SER A 150 19.94 9.84 -11.13
CA SER A 150 19.79 11.28 -10.97
C SER A 150 20.25 11.96 -12.25
N SER A 151 19.53 13.00 -12.68
CA SER A 151 19.86 13.69 -13.92
C SER A 151 21.22 14.33 -13.78
N PRO A 152 22.00 14.44 -14.88
CA PRO A 152 23.33 15.03 -14.84
C PRO A 152 23.20 16.51 -14.46
N PHE A 153 24.12 16.98 -13.61
CA PHE A 153 23.91 18.26 -12.97
C PHE A 153 24.31 19.38 -13.94
N ARG A 154 25.62 19.52 -14.21
CA ARG A 154 26.12 20.60 -15.05
C ARG A 154 27.14 20.06 -16.05
N GLY A 155 26.76 18.99 -16.77
CA GLY A 155 27.58 18.46 -17.85
C GLY A 155 28.68 17.52 -17.37
N GLN A 156 29.01 17.54 -16.09
CA GLN A 156 30.09 16.71 -15.56
C GLN A 156 29.55 15.33 -15.17
N GLY A 157 28.25 15.24 -14.88
CA GLY A 157 27.63 14.03 -14.38
C GLY A 157 26.65 14.35 -13.25
N ILE A 158 26.44 13.37 -12.36
CA ILE A 158 25.53 13.52 -11.23
C ILE A 158 26.15 14.48 -10.23
N HIS A 159 25.33 15.41 -9.71
CA HIS A 159 25.74 16.27 -8.62
C HIS A 159 26.56 15.44 -7.62
N PRO A 160 27.81 15.84 -7.29
CA PRO A 160 28.70 15.00 -6.49
C PRO A 160 28.19 14.63 -5.10
N HIS A 161 27.43 15.53 -4.46
CA HIS A 161 26.83 15.24 -3.16
C HIS A 161 25.80 14.12 -3.33
N VAL A 162 24.87 14.30 -4.27
CA VAL A 162 23.88 13.28 -4.59
C VAL A 162 24.58 11.96 -4.90
N LEU A 163 25.65 12.00 -5.68
CA LEU A 163 26.35 10.80 -6.08
C LEU A 163 27.01 10.14 -4.88
N TYR A 164 27.61 10.95 -4.00
CA TYR A 164 28.25 10.42 -2.81
C TYR A 164 27.18 9.76 -1.93
N ALA A 165 26.02 10.43 -1.79
CA ALA A 165 24.88 9.93 -1.03
C ALA A 165 24.39 8.60 -1.58
N PHE A 166 24.31 8.47 -2.92
CA PHE A 166 23.90 7.20 -3.51
C PHE A 166 24.86 6.09 -3.07
N GLN A 167 26.16 6.35 -3.21
CA GLN A 167 27.18 5.34 -2.96
C GLN A 167 27.18 4.91 -1.50
N ALA A 168 27.25 5.90 -0.60
CA ALA A 168 27.30 5.68 0.84
C ALA A 168 26.06 4.93 1.33
N ALA A 169 24.90 5.18 0.71
CA ALA A 169 23.64 4.58 1.12
C ALA A 169 23.56 3.12 0.67
N GLY A 170 24.37 2.75 -0.33
CA GLY A 170 24.52 1.35 -0.72
C GLY A 170 23.88 1.01 -2.07
N ALA A 171 23.66 2.01 -2.93
CA ALA A 171 23.15 1.74 -4.26
C ALA A 171 24.08 0.74 -4.96
N ASP A 172 23.49 -0.19 -5.72
CA ASP A 172 24.23 -1.24 -6.40
C ASP A 172 24.59 -0.77 -7.80
N VAL A 173 23.67 -0.04 -8.44
CA VAL A 173 23.87 0.49 -9.77
C VAL A 173 23.49 1.97 -9.74
N ILE A 174 24.33 2.82 -10.31
CA ILE A 174 24.06 4.25 -10.41
C ILE A 174 24.06 4.68 -11.87
N MET A 175 23.11 5.55 -12.22
CA MET A 175 22.89 5.93 -13.61
C MET A 175 22.64 7.43 -13.71
N ALA A 176 23.25 8.05 -14.72
CA ALA A 176 23.13 9.48 -14.94
C ALA A 176 21.99 9.71 -15.95
N LEU A 177 20.76 9.73 -15.42
CA LEU A 177 19.54 9.87 -16.20
C LEU A 177 18.54 10.72 -15.41
N GLY A 178 17.82 11.59 -16.13
CA GLY A 178 16.79 12.42 -15.55
C GLY A 178 15.40 12.02 -16.06
N GLY A 179 14.37 12.47 -15.34
CA GLY A 179 13.01 12.56 -15.84
C GLY A 179 12.38 11.20 -16.15
N VAL A 180 11.46 11.23 -17.12
CA VAL A 180 10.65 10.08 -17.47
C VAL A 180 11.55 8.93 -17.91
N GLN A 181 12.64 9.27 -18.63
CA GLN A 181 13.49 8.28 -19.26
C GLN A 181 14.30 7.51 -18.21
N ALA A 182 14.55 8.17 -17.06
CA ALA A 182 15.15 7.50 -15.91
C ALA A 182 14.14 6.54 -15.28
N ILE A 183 12.90 7.00 -15.08
CA ILE A 183 11.87 6.21 -14.43
C ILE A 183 11.58 4.96 -15.26
N ALA A 184 11.51 5.15 -16.58
CA ALA A 184 11.15 4.07 -17.49
C ALA A 184 12.29 3.05 -17.60
N SER A 185 13.54 3.54 -17.64
CA SER A 185 14.68 2.66 -17.70
C SER A 185 14.71 1.76 -16.47
N MET A 186 14.50 2.35 -15.30
CA MET A 186 14.50 1.60 -14.05
C MET A 186 13.36 0.59 -14.08
N ALA A 187 12.18 1.03 -14.53
CA ALA A 187 10.97 0.20 -14.57
C ALA A 187 11.13 -0.98 -15.53
N TYR A 188 11.69 -0.73 -16.72
CA TYR A 188 11.79 -1.78 -17.74
C TYR A 188 13.10 -2.55 -17.61
N GLY A 189 14.00 -2.10 -16.72
CA GLY A 189 15.27 -2.80 -16.51
C GLY A 189 16.25 -2.61 -17.65
N LEU A 190 16.24 -1.41 -18.26
CA LEU A 190 17.18 -1.06 -19.32
C LEU A 190 18.56 -0.84 -18.70
N PHE A 191 19.61 -1.23 -19.45
CA PHE A 191 21.00 -1.03 -19.05
C PHE A 191 21.45 -2.02 -17.97
N THR A 192 20.49 -2.58 -17.20
CA THR A 192 20.80 -3.46 -16.07
C THR A 192 20.24 -4.87 -16.32
N GLY A 193 19.10 -4.96 -17.02
CA GLY A 193 18.40 -6.22 -17.19
C GLY A 193 17.69 -6.68 -15.92
N LYS A 194 17.37 -5.74 -15.02
CA LYS A 194 16.65 -6.04 -13.78
C LYS A 194 15.51 -5.03 -13.61
N PRO A 195 14.30 -5.34 -14.10
CA PRO A 195 13.13 -4.46 -13.92
C PRO A 195 12.82 -4.18 -12.46
N ALA A 196 12.46 -2.92 -12.16
CA ALA A 196 12.24 -2.50 -10.79
C ALA A 196 10.85 -2.95 -10.33
N ASP A 197 10.79 -3.59 -9.16
CA ASP A 197 9.52 -3.98 -8.56
C ASP A 197 8.78 -2.73 -8.10
N VAL A 198 9.52 -1.75 -7.57
CA VAL A 198 8.95 -0.44 -7.31
C VAL A 198 10.01 0.63 -7.61
N VAL A 199 9.52 1.82 -8.00
CA VAL A 199 10.33 3.00 -8.17
C VAL A 199 9.84 4.07 -7.19
N VAL A 200 10.79 4.74 -6.54
CA VAL A 200 10.49 5.79 -5.58
C VAL A 200 11.37 7.00 -5.86
N GLY A 201 11.04 8.11 -5.19
CA GLY A 201 11.83 9.32 -5.21
C GLY A 201 11.03 10.50 -5.74
N PRO A 202 11.28 11.74 -5.25
CA PRO A 202 10.52 12.90 -5.70
C PRO A 202 10.98 13.37 -7.08
N GLY A 203 10.23 14.29 -7.67
CA GLY A 203 10.56 14.88 -8.95
C GLY A 203 9.46 15.83 -9.41
N ASN A 204 9.53 16.25 -10.67
CA ASN A 204 8.55 17.16 -11.22
C ASN A 204 7.32 16.37 -11.66
N LYS A 205 6.36 17.09 -12.25
CA LYS A 205 5.10 16.52 -12.70
C LYS A 205 5.32 15.35 -13.65
N PHE A 206 6.42 15.38 -14.42
CA PHE A 206 6.68 14.35 -15.41
C PHE A 206 7.17 13.07 -14.73
N VAL A 207 8.05 13.21 -13.75
CA VAL A 207 8.54 12.08 -12.97
C VAL A 207 7.36 11.44 -12.24
N ALA A 208 6.54 12.28 -11.60
CA ALA A 208 5.36 11.83 -10.86
C ALA A 208 4.42 11.06 -11.77
N GLU A 209 4.09 11.66 -12.92
CA GLU A 209 3.18 11.07 -13.88
C GLU A 209 3.76 9.77 -14.44
N ALA A 210 5.08 9.72 -14.62
CA ALA A 210 5.74 8.52 -15.11
C ALA A 210 5.59 7.38 -14.12
N LYS A 211 5.76 7.68 -12.82
CA LYS A 211 5.63 6.69 -11.77
C LYS A 211 4.20 6.17 -11.72
N ARG A 212 3.23 7.11 -11.77
CA ARG A 212 1.80 6.79 -11.74
C ARG A 212 1.43 5.84 -12.88
N SER A 213 1.92 6.16 -14.09
CA SER A 213 1.56 5.40 -15.28
C SER A 213 2.16 4.01 -15.22
N LEU A 214 3.41 3.89 -14.73
CA LEU A 214 4.13 2.63 -14.78
C LEU A 214 3.75 1.72 -13.62
N TYR A 215 3.37 2.30 -12.47
CA TYR A 215 3.20 1.50 -11.26
C TYR A 215 1.80 1.66 -10.67
N GLY A 216 1.02 2.60 -11.18
CA GLY A 216 -0.33 2.82 -10.65
C GLY A 216 -0.30 3.47 -9.27
N GLN A 217 -0.80 2.73 -8.27
CA GLN A 217 -1.08 3.29 -6.94
C GLN A 217 0.19 3.31 -6.09
N VAL A 218 1.13 2.38 -6.36
CA VAL A 218 2.39 2.30 -5.64
C VAL A 218 3.44 3.23 -6.28
N GLY A 219 3.00 4.12 -7.17
CA GLY A 219 3.87 5.11 -7.79
C GLY A 219 3.52 6.55 -7.42
N ILE A 220 2.41 6.75 -6.70
CA ILE A 220 1.98 8.09 -6.29
C ILE A 220 1.54 8.10 -4.83
N ASP A 221 1.94 7.08 -4.06
CA ASP A 221 1.50 6.92 -2.68
C ASP A 221 2.50 7.56 -1.72
N VAL A 222 3.59 8.12 -2.25
CA VAL A 222 4.59 8.80 -1.44
C VAL A 222 4.40 10.32 -1.60
N PHE A 223 4.77 11.06 -0.55
CA PHE A 223 4.49 12.49 -0.47
C PHE A 223 5.17 13.23 -1.62
N ALA A 224 4.35 13.91 -2.41
CA ALA A 224 4.78 14.73 -3.53
C ALA A 224 4.34 16.18 -3.26
N GLY A 225 4.55 17.06 -4.24
CA GLY A 225 4.25 18.47 -4.07
C GLY A 225 5.29 19.16 -3.18
N PRO A 226 5.05 20.42 -2.76
CA PRO A 226 6.03 21.18 -1.97
C PRO A 226 6.11 20.75 -0.51
N SER A 227 7.23 21.10 0.14
CA SER A 227 7.49 20.74 1.53
C SER A 227 6.42 21.33 2.43
N GLU A 228 5.98 20.55 3.43
CA GLU A 228 5.03 21.00 4.44
C GLU A 228 5.73 21.16 5.79
N VAL A 229 5.01 21.79 6.73
CA VAL A 229 5.37 21.77 8.14
C VAL A 229 4.14 22.20 8.95
N ALA A 230 3.80 21.39 9.96
CA ALA A 230 2.76 21.74 10.92
C ALA A 230 3.34 21.67 12.33
N VAL A 231 2.90 22.60 13.20
CA VAL A 231 3.31 22.63 14.60
C VAL A 231 2.05 22.71 15.47
N ILE A 232 1.92 21.75 16.39
CA ILE A 232 0.93 21.82 17.45
C ILE A 232 1.61 22.37 18.71
N ALA A 233 0.98 23.36 19.36
CA ALA A 233 1.60 24.06 20.47
C ALA A 233 0.56 24.60 21.45
N ASP A 234 0.86 24.42 22.75
CA ASP A 234 0.08 24.99 23.82
C ASP A 234 0.84 26.18 24.41
N GLU A 235 0.41 26.65 25.59
CA GLU A 235 0.95 27.84 26.24
C GLU A 235 2.42 27.66 26.61
N THR A 236 2.86 26.41 26.84
CA THR A 236 4.22 26.17 27.31
C THR A 236 5.25 26.27 26.17
N ALA A 237 4.79 26.26 24.91
CA ALA A 237 5.70 26.32 23.78
C ALA A 237 6.40 27.67 23.70
N ASP A 238 7.55 27.68 23.03
CA ASP A 238 8.38 28.86 22.87
C ASP A 238 8.11 29.45 21.48
N PRO A 239 7.57 30.69 21.38
CA PRO A 239 7.14 31.23 20.10
C PRO A 239 8.27 31.45 19.10
N ALA A 240 9.47 31.76 19.62
CA ALA A 240 10.62 32.02 18.76
C ALA A 240 11.02 30.75 18.02
N ILE A 241 10.97 29.60 18.71
CA ILE A 241 11.28 28.31 18.11
C ILE A 241 10.19 27.95 17.12
N VAL A 242 8.93 28.02 17.56
CA VAL A 242 7.79 27.67 16.74
C VAL A 242 7.86 28.44 15.42
N ALA A 243 8.16 29.75 15.48
CA ALA A 243 8.16 30.58 14.29
C ALA A 243 9.36 30.23 13.41
N SER A 244 10.49 29.87 14.02
CA SER A 244 11.67 29.48 13.28
C SER A 244 11.41 28.20 12.47
N ASP A 245 10.61 27.30 13.04
CA ASP A 245 10.36 25.99 12.47
C ASP A 245 9.43 26.10 11.26
N LEU A 246 8.46 27.03 11.32
CA LEU A 246 7.56 27.28 10.20
C LEU A 246 8.34 27.93 9.06
N VAL A 247 9.07 29.00 9.38
CA VAL A 247 9.91 29.70 8.42
C VAL A 247 10.91 28.72 7.80
N GLY A 248 11.32 27.71 8.60
CA GLY A 248 12.25 26.70 8.15
C GLY A 248 11.85 26.01 6.85
N GLN A 249 10.62 25.51 6.77
CA GLN A 249 10.19 24.78 5.58
C GLN A 249 9.60 25.74 4.56
N ALA A 250 9.27 26.96 4.97
CA ALA A 250 8.66 27.94 4.09
C ALA A 250 9.69 28.48 3.08
N GLU A 251 10.99 28.27 3.32
CA GLU A 251 12.00 28.77 2.39
C GLU A 251 12.11 27.86 1.17
N HIS A 252 11.39 26.73 1.15
CA HIS A 252 11.48 25.78 0.06
C HIS A 252 10.99 26.40 -1.25
N GLY A 253 9.87 27.13 -1.19
CA GLY A 253 9.29 27.74 -2.37
C GLY A 253 8.00 28.48 -2.03
N HIS A 254 7.31 28.97 -3.07
CA HIS A 254 6.15 29.84 -2.89
C HIS A 254 4.90 29.04 -2.51
N GLU A 255 4.96 27.70 -2.54
CA GLU A 255 3.77 26.88 -2.32
C GLU A 255 3.94 25.94 -1.11
N SER A 256 4.98 26.15 -0.30
CA SER A 256 5.22 25.32 0.87
C SER A 256 4.29 25.73 2.02
N PRO A 257 3.33 24.87 2.45
CA PRO A 257 2.40 25.21 3.53
C PRO A 257 3.00 25.09 4.92
N ALA A 258 2.78 26.13 5.74
CA ALA A 258 3.22 26.15 7.13
C ALA A 258 2.02 26.42 8.03
N TRP A 259 1.63 25.41 8.81
CA TRP A 259 0.45 25.52 9.67
C TRP A 259 0.85 25.52 11.14
N LEU A 260 0.08 26.27 11.96
CA LEU A 260 0.22 26.25 13.40
C LEU A 260 -1.15 26.03 14.02
N PHE A 261 -1.29 24.93 14.78
CA PHE A 261 -2.52 24.63 15.51
C PHE A 261 -2.24 24.82 16.99
N THR A 262 -3.04 25.64 17.67
CA THR A 262 -2.71 26.01 19.03
C THR A 262 -3.94 26.27 19.86
N THR A 263 -3.84 25.93 21.16
CA THR A 263 -4.83 26.29 22.16
C THR A 263 -4.42 27.55 22.92
N SER A 264 -3.56 28.39 22.32
CA SER A 264 -3.03 29.56 23.01
C SER A 264 -3.02 30.77 22.07
N ARG A 265 -3.94 31.70 22.32
CA ARG A 265 -4.07 32.93 21.56
C ARG A 265 -2.75 33.70 21.62
N ASP A 266 -2.16 33.75 22.82
CA ASP A 266 -0.95 34.50 23.06
C ASP A 266 0.16 34.01 22.13
N LEU A 267 0.35 32.68 22.09
CA LEU A 267 1.34 32.06 21.22
C LEU A 267 1.05 32.43 19.76
N ALA A 268 -0.21 32.24 19.36
CA ALA A 268 -0.62 32.50 17.99
C ALA A 268 -0.21 33.91 17.57
N ASP A 269 -0.46 34.89 18.46
CA ASP A 269 -0.21 36.29 18.17
C ASP A 269 1.29 36.53 18.02
N ARG A 270 2.09 35.95 18.94
CA ARG A 270 3.53 36.15 18.93
C ARG A 270 4.15 35.54 17.66
N VAL A 271 3.71 34.32 17.31
CA VAL A 271 4.27 33.64 16.15
C VAL A 271 3.94 34.47 14.90
N MET A 272 2.68 34.91 14.79
CA MET A 272 2.22 35.68 13.64
C MET A 272 3.05 36.95 13.49
N ALA A 273 3.49 37.50 14.63
CA ALA A 273 4.36 38.66 14.64
C ALA A 273 5.80 38.29 14.26
N LEU A 274 6.32 37.19 14.82
CA LEU A 274 7.73 36.85 14.70
C LEU A 274 8.10 36.41 13.28
N VAL A 275 7.18 35.72 12.60
CA VAL A 275 7.48 35.04 11.35
C VAL A 275 8.00 36.04 10.31
N PRO A 276 7.26 37.13 9.99
CA PRO A 276 7.74 38.13 9.03
C PRO A 276 9.08 38.77 9.36
N GLU A 277 9.39 38.88 10.66
CA GLU A 277 10.66 39.43 11.11
C GLU A 277 11.78 38.46 10.73
N LEU A 278 11.54 37.16 10.97
CA LEU A 278 12.49 36.11 10.66
C LEU A 278 12.68 36.00 9.15
N ILE A 279 11.60 36.09 8.39
CA ILE A 279 11.70 36.05 6.93
C ILE A 279 12.55 37.22 6.46
N ALA A 280 12.34 38.39 7.08
CA ALA A 280 13.01 39.63 6.67
C ALA A 280 14.52 39.48 6.78
N LYS A 281 15.00 38.64 7.72
CA LYS A 281 16.43 38.50 7.99
C LYS A 281 17.04 37.32 7.24
N LEU A 282 16.28 36.66 6.35
CA LEU A 282 16.82 35.63 5.48
C LEU A 282 17.63 36.27 4.35
N PRO A 283 18.53 35.51 3.67
CA PRO A 283 19.12 35.97 2.41
C PRO A 283 18.07 36.06 1.31
N PRO A 284 18.34 36.82 0.22
CA PRO A 284 17.30 37.20 -0.76
C PRO A 284 16.44 36.06 -1.28
N THR A 285 17.08 34.99 -1.76
CA THR A 285 16.36 33.86 -2.35
C THR A 285 15.30 33.36 -1.37
N ALA A 286 15.74 33.00 -0.15
CA ALA A 286 14.87 32.44 0.87
C ALA A 286 13.83 33.46 1.32
N ARG A 287 14.25 34.73 1.45
CA ARG A 287 13.34 35.81 1.84
C ARG A 287 12.15 35.86 0.88
N ASP A 288 12.41 35.73 -0.42
CA ASP A 288 11.39 35.84 -1.44
C ASP A 288 10.50 34.60 -1.39
N ALA A 289 11.13 33.41 -1.36
CA ALA A 289 10.41 32.16 -1.26
C ALA A 289 9.44 32.18 -0.08
N ALA A 290 9.93 32.56 1.11
CA ALA A 290 9.18 32.42 2.35
C ALA A 290 8.04 33.44 2.44
N THR A 291 8.26 34.66 1.92
CA THR A 291 7.25 35.70 1.95
C THR A 291 6.00 35.18 1.25
N ALA A 292 6.16 34.74 -0.01
CA ALA A 292 5.07 34.22 -0.82
C ALA A 292 4.48 32.98 -0.17
N ALA A 293 5.36 32.13 0.37
CA ALA A 293 4.97 30.88 0.99
C ALA A 293 4.05 31.11 2.18
N TRP A 294 4.48 31.99 3.08
CA TRP A 294 3.71 32.26 4.29
C TRP A 294 2.46 33.06 3.95
N ARG A 295 2.59 34.03 3.03
CA ARG A 295 1.50 34.91 2.66
C ARG A 295 0.31 34.08 2.17
N ASP A 296 0.57 33.18 1.23
CA ASP A 296 -0.46 32.56 0.42
C ASP A 296 -0.94 31.26 1.05
N TYR A 297 -0.04 30.54 1.76
CA TYR A 297 -0.34 29.20 2.21
C TYR A 297 -0.17 29.04 3.72
N GLY A 298 0.29 30.09 4.42
CA GLY A 298 0.41 30.06 5.86
C GLY A 298 -0.96 30.05 6.54
N GLU A 299 -1.13 29.19 7.56
CA GLU A 299 -2.37 29.13 8.31
C GLU A 299 -2.07 29.05 9.81
N VAL A 300 -2.94 29.69 10.59
CA VAL A 300 -2.89 29.65 12.04
C VAL A 300 -4.31 29.38 12.52
N ILE A 301 -4.47 28.35 13.35
CA ILE A 301 -5.79 27.93 13.79
C ILE A 301 -5.80 27.85 15.31
N LEU A 302 -6.54 28.77 15.93
CA LEU A 302 -6.77 28.77 17.36
C LEU A 302 -7.94 27.84 17.66
N CYS A 303 -7.74 26.92 18.61
CA CYS A 303 -8.73 25.91 18.97
C CYS A 303 -9.02 25.97 20.47
N GLY A 304 -10.19 25.47 20.86
CA GLY A 304 -10.59 25.45 22.25
C GLY A 304 -9.79 24.42 23.05
N THR A 305 -10.19 23.15 22.92
CA THR A 305 -9.61 22.06 23.68
C THR A 305 -8.57 21.33 22.83
N ARG A 306 -7.89 20.38 23.45
CA ARG A 306 -6.88 19.57 22.77
C ARG A 306 -7.56 18.76 21.67
N GLU A 307 -8.70 18.17 22.01
CA GLU A 307 -9.46 17.31 21.12
C GLU A 307 -9.71 18.01 19.79
N GLU A 308 -10.03 19.31 19.84
CA GLU A 308 -10.32 20.06 18.62
C GLU A 308 -9.05 20.26 17.79
N VAL A 309 -7.89 20.32 18.46
CA VAL A 309 -6.61 20.38 17.77
C VAL A 309 -6.36 19.04 17.08
N VAL A 310 -6.69 17.93 17.74
CA VAL A 310 -6.54 16.61 17.17
C VAL A 310 -7.39 16.49 15.90
N GLU A 311 -8.62 16.99 15.95
CA GLU A 311 -9.55 16.91 14.82
C GLU A 311 -8.97 17.62 13.61
N ILE A 312 -8.47 18.85 13.81
CA ILE A 312 -8.06 19.71 12.70
C ILE A 312 -6.73 19.23 12.12
N SER A 313 -5.85 18.70 12.99
CA SER A 313 -4.55 18.20 12.57
C SER A 313 -4.70 16.90 11.76
N ASP A 314 -5.56 16.00 12.24
CA ASP A 314 -5.90 14.79 11.52
C ASP A 314 -6.47 15.13 10.15
N ARG A 315 -7.31 16.16 10.07
CA ARG A 315 -7.87 16.59 8.79
C ARG A 315 -6.75 17.11 7.88
N TYR A 316 -5.82 17.90 8.44
CA TYR A 316 -4.79 18.54 7.63
C TYR A 316 -3.70 17.53 7.28
N ALA A 317 -3.50 16.54 8.15
CA ALA A 317 -2.58 15.43 7.92
C ALA A 317 -1.25 15.91 7.35
N SER A 318 -0.51 16.69 8.14
CA SER A 318 0.74 17.26 7.69
C SER A 318 1.81 16.17 7.52
N GLU A 319 2.59 16.29 6.45
CA GLU A 319 3.72 15.41 6.19
C GLU A 319 4.67 15.44 7.39
N HIS A 320 4.87 16.63 7.98
CA HIS A 320 5.76 16.80 9.12
C HIS A 320 5.03 17.55 10.23
N LEU A 321 4.91 16.90 11.40
CA LEU A 321 4.09 17.44 12.48
C LEU A 321 4.92 17.48 13.77
N GLU A 322 5.18 18.71 14.25
CA GLU A 322 5.83 18.95 15.53
C GLU A 322 4.79 19.11 16.64
N VAL A 323 5.13 18.64 17.85
CA VAL A 323 4.25 18.76 19.01
C VAL A 323 5.03 19.42 20.14
N HIS A 324 4.84 20.74 20.31
CA HIS A 324 5.46 21.51 21.37
C HIS A 324 4.42 21.81 22.45
N THR A 325 4.15 20.82 23.29
CA THR A 325 3.12 20.89 24.30
C THR A 325 3.61 20.19 25.56
N ALA A 326 2.82 20.31 26.64
CA ALA A 326 2.92 19.45 27.80
C ALA A 326 2.25 18.13 27.48
N ASP A 327 2.56 17.10 28.26
CA ASP A 327 1.83 15.84 28.21
C ASP A 327 1.95 15.21 26.82
N LEU A 328 3.19 14.98 26.38
CA LEU A 328 3.44 14.51 25.02
C LEU A 328 2.89 13.10 24.81
N ASP A 329 2.84 12.29 25.89
CA ASP A 329 2.29 10.94 25.79
C ASP A 329 0.85 11.01 25.27
N TRP A 330 0.06 11.96 25.78
CA TRP A 330 -1.31 12.09 25.34
C TRP A 330 -1.38 12.31 23.82
N TRP A 331 -0.59 13.25 23.31
CA TRP A 331 -0.66 13.61 21.91
C TRP A 331 -0.22 12.44 21.03
N LEU A 332 0.76 11.67 21.50
CA LEU A 332 1.22 10.50 20.78
C LEU A 332 0.11 9.46 20.68
N ALA A 333 -0.75 9.44 21.70
CA ALA A 333 -1.78 8.42 21.83
C ALA A 333 -3.05 8.79 21.06
N ASN A 334 -3.19 10.06 20.66
CA ASN A 334 -4.48 10.56 20.20
C ASN A 334 -4.43 11.03 18.75
N LEU A 335 -3.31 11.58 18.29
CA LEU A 335 -3.17 11.95 16.88
C LEU A 335 -3.22 10.68 16.01
N THR A 336 -3.74 10.79 14.78
CA THR A 336 -3.96 9.60 13.97
C THR A 336 -3.63 9.77 12.49
N CYS A 337 -3.47 10.99 11.97
CA CYS A 337 -3.12 11.18 10.57
C CYS A 337 -2.04 12.25 10.42
N TYR A 338 -0.82 11.78 10.12
CA TYR A 338 0.31 12.64 9.82
C TYR A 338 1.35 11.80 9.10
N GLY A 339 2.32 12.47 8.46
CA GLY A 339 3.43 11.78 7.82
C GLY A 339 4.44 11.22 8.82
N SER A 340 5.07 12.12 9.59
CA SER A 340 5.93 11.73 10.69
C SER A 340 5.82 12.75 11.82
N LEU A 341 5.92 12.24 13.05
CA LEU A 341 5.68 13.04 14.24
C LEU A 341 7.02 13.43 14.87
N PHE A 342 7.13 14.73 15.21
CA PHE A 342 8.24 15.28 15.95
C PHE A 342 7.77 15.66 17.35
N LEU A 343 8.09 14.82 18.34
CA LEU A 343 7.57 14.96 19.69
C LEU A 343 8.52 15.81 20.53
N GLY A 344 8.04 16.98 20.97
CA GLY A 344 8.80 17.85 21.84
C GLY A 344 9.60 18.86 21.04
N GLU A 345 10.16 19.83 21.75
CA GLU A 345 10.87 20.94 21.15
C GLU A 345 12.22 20.50 20.60
N GLU A 346 12.83 19.47 21.19
CA GLU A 346 14.24 19.19 20.94
C GLU A 346 14.45 18.83 19.47
N THR A 347 13.70 17.85 18.97
CA THR A 347 13.77 17.49 17.56
C THR A 347 13.04 18.54 16.73
N THR A 348 13.27 18.51 15.42
CA THR A 348 12.62 19.42 14.50
C THR A 348 12.69 18.83 13.10
N VAL A 349 11.88 19.38 12.20
CA VAL A 349 11.71 18.82 10.87
C VAL A 349 13.04 18.78 10.13
N ALA A 350 13.84 19.84 10.26
CA ALA A 350 15.06 19.97 9.47
C ALA A 350 16.10 18.91 9.88
N PHE A 351 15.97 18.32 11.08
CA PHE A 351 16.84 17.21 11.47
C PHE A 351 16.57 15.99 10.59
N GLY A 352 15.45 16.00 9.86
CA GLY A 352 15.21 15.01 8.82
C GLY A 352 14.23 13.94 9.27
N ASP A 353 13.56 13.32 8.29
CA ASP A 353 12.62 12.26 8.55
C ASP A 353 13.36 10.93 8.69
N LYS A 354 12.63 9.93 9.20
CA LYS A 354 13.10 8.56 9.23
C LYS A 354 12.39 7.79 8.11
N THR A 355 11.16 8.23 7.79
CA THR A 355 10.38 7.74 6.68
C THR A 355 9.76 8.94 5.96
N SER A 356 9.11 8.73 4.81
CA SER A 356 8.28 9.74 4.19
C SER A 356 6.82 9.30 4.23
N GLY A 357 5.93 10.25 4.55
CA GLY A 357 4.52 9.98 4.74
C GLY A 357 3.76 9.89 3.42
N PRO A 358 2.44 9.60 3.45
CA PRO A 358 1.66 9.36 2.24
C PRO A 358 1.32 10.66 1.50
N ASN A 359 0.91 10.52 0.23
CA ASN A 359 0.46 11.64 -0.56
C ASN A 359 -0.98 11.97 -0.15
N HIS A 360 -1.11 12.75 0.93
CA HIS A 360 -2.40 13.05 1.54
C HIS A 360 -3.21 14.00 0.64
N VAL A 361 -2.51 14.75 -0.20
CA VAL A 361 -3.14 15.64 -1.18
C VAL A 361 -3.49 14.84 -2.42
N LEU A 362 -4.61 14.08 -2.35
CA LEU A 362 -5.19 13.37 -3.48
C LEU A 362 -6.70 13.22 -3.28
N ARG A 369 -4.39 8.26 0.21
CA ARG A 369 -4.68 9.41 1.11
C ARG A 369 -3.88 9.26 2.40
N TYR A 370 -4.09 8.12 3.07
CA TYR A 370 -3.40 7.81 4.33
C TYR A 370 -2.32 6.76 4.10
N SER A 371 -2.46 5.98 3.02
CA SER A 371 -1.75 4.71 2.88
C SER A 371 -0.51 4.90 2.02
N GLY A 372 0.55 4.14 2.33
CA GLY A 372 1.75 4.07 1.52
C GLY A 372 2.95 4.72 2.21
N GLY A 373 3.49 5.78 1.58
CA GLY A 373 4.66 6.48 2.09
C GLY A 373 5.95 5.72 1.75
N LEU A 374 7.09 6.29 2.19
CA LEU A 374 8.38 5.67 1.98
C LEU A 374 8.91 5.14 3.31
N SER A 375 8.89 3.82 3.43
CA SER A 375 9.47 3.12 4.57
C SER A 375 9.85 1.71 4.10
N VAL A 376 10.46 0.92 4.99
CA VAL A 376 10.82 -0.43 4.66
C VAL A 376 9.58 -1.21 4.19
N HIS A 377 8.39 -0.82 4.68
CA HIS A 377 7.15 -1.52 4.40
C HIS A 377 6.77 -1.43 2.92
N LYS A 378 7.17 -0.35 2.24
CA LYS A 378 6.91 -0.23 0.81
C LYS A 378 7.67 -1.32 0.04
N PHE A 379 8.81 -1.79 0.58
CA PHE A 379 9.70 -2.66 -0.16
C PHE A 379 9.58 -4.11 0.31
N MET A 380 8.44 -4.48 0.89
CA MET A 380 8.30 -5.83 1.45
C MET A 380 6.95 -6.44 1.09
N LYS A 381 6.98 -7.74 0.80
CA LYS A 381 5.78 -8.50 0.46
C LYS A 381 5.42 -9.37 1.66
N THR A 382 4.14 -9.39 1.99
CA THR A 382 3.61 -10.37 2.91
C THR A 382 2.87 -11.42 2.09
N LEU A 383 3.37 -12.67 2.11
CA LEU A 383 2.76 -13.76 1.38
C LEU A 383 2.11 -14.70 2.36
N THR A 384 0.89 -15.15 2.04
CA THR A 384 0.17 -16.06 2.92
C THR A 384 0.11 -17.45 2.29
N TRP A 385 0.27 -18.47 3.15
CA TRP A 385 0.22 -19.86 2.74
C TRP A 385 -0.62 -20.67 3.72
N GLN A 386 -1.07 -21.85 3.26
CA GLN A 386 -1.80 -22.79 4.10
C GLN A 386 -1.44 -24.22 3.71
N GLN A 387 -1.55 -25.13 4.69
CA GLN A 387 -1.27 -26.54 4.49
C GLN A 387 -2.13 -27.37 5.46
N MET A 388 -2.58 -28.54 5.02
CA MET A 388 -3.53 -29.32 5.79
C MET A 388 -3.06 -30.78 5.87
N THR A 389 -3.32 -31.41 7.02
CA THR A 389 -3.28 -32.85 7.12
C THR A 389 -4.52 -33.43 6.44
N ARG A 390 -4.46 -34.71 6.11
CA ARG A 390 -5.62 -35.43 5.59
C ARG A 390 -6.78 -35.27 6.58
N GLU A 391 -6.48 -35.47 7.87
CA GLU A 391 -7.49 -35.49 8.90
C GLU A 391 -8.31 -34.19 8.87
N ALA A 392 -7.62 -33.05 8.65
CA ALA A 392 -8.24 -31.74 8.72
C ALA A 392 -9.32 -31.57 7.65
N THR A 393 -9.14 -32.25 6.51
CA THR A 393 -10.05 -32.12 5.38
C THR A 393 -11.38 -32.80 5.68
N ARG A 394 -11.39 -33.73 6.65
CA ARG A 394 -12.59 -34.48 7.01
C ARG A 394 -13.74 -33.50 7.29
N GLN A 395 -13.44 -32.47 8.09
CA GLN A 395 -14.40 -31.45 8.44
C GLN A 395 -14.50 -30.40 7.32
N ILE A 396 -13.36 -29.97 6.78
CA ILE A 396 -13.31 -28.84 5.86
C ILE A 396 -13.88 -29.23 4.50
N GLY A 397 -13.58 -30.46 4.05
CA GLY A 397 -14.10 -30.98 2.78
C GLY A 397 -15.63 -30.99 2.74
N GLN A 398 -16.24 -31.54 3.81
CA GLN A 398 -17.69 -31.54 3.98
C GLN A 398 -18.25 -30.13 3.77
N VAL A 399 -17.75 -29.17 4.57
CA VAL A 399 -18.30 -27.83 4.64
C VAL A 399 -18.20 -27.19 3.26
N THR A 400 -17.06 -27.38 2.60
CA THR A 400 -16.80 -26.79 1.30
C THR A 400 -17.73 -27.37 0.26
N ALA A 401 -17.96 -28.69 0.33
CA ALA A 401 -18.83 -29.36 -0.62
C ALA A 401 -20.24 -28.78 -0.51
N ARG A 402 -20.79 -28.75 0.72
CA ARG A 402 -22.15 -28.30 0.96
C ARG A 402 -22.30 -26.83 0.54
N ILE A 403 -21.45 -25.95 1.07
CA ILE A 403 -21.48 -24.54 0.75
C ILE A 403 -21.36 -24.35 -0.75
N SER A 404 -20.47 -25.15 -1.38
CA SER A 404 -20.22 -25.04 -2.80
C SER A 404 -21.50 -25.34 -3.57
N ARG A 405 -22.19 -26.43 -3.19
CA ARG A 405 -23.39 -26.87 -3.88
C ARG A 405 -24.56 -25.92 -3.56
N LEU A 406 -24.49 -25.20 -2.43
CA LEU A 406 -25.45 -24.15 -2.15
C LEU A 406 -25.16 -22.91 -3.01
N GLU A 407 -23.91 -22.76 -3.46
CA GLU A 407 -23.53 -21.67 -4.34
C GLU A 407 -23.75 -22.05 -5.81
N GLY A 408 -24.04 -23.33 -6.06
CA GLY A 408 -24.24 -23.82 -7.42
C GLY A 408 -22.93 -24.14 -8.13
N MET A 409 -21.91 -24.49 -7.34
CA MET A 409 -20.54 -24.68 -7.83
C MET A 409 -20.18 -26.16 -7.70
N GLU A 410 -20.67 -26.97 -8.64
CA GLU A 410 -20.57 -28.42 -8.53
C GLU A 410 -19.11 -28.84 -8.70
N ALA A 411 -18.38 -28.19 -9.60
CA ALA A 411 -16.98 -28.48 -9.85
C ALA A 411 -16.16 -28.30 -8.57
N HIS A 412 -16.45 -27.22 -7.82
CA HIS A 412 -15.77 -26.96 -6.56
C HIS A 412 -15.98 -28.14 -5.62
N ALA A 413 -17.23 -28.59 -5.52
CA ALA A 413 -17.59 -29.66 -4.59
C ALA A 413 -16.77 -30.91 -4.87
N ARG A 414 -16.55 -31.20 -6.16
CA ARG A 414 -15.87 -32.43 -6.57
C ARG A 414 -14.41 -32.44 -6.09
N THR A 415 -13.81 -31.25 -5.98
CA THR A 415 -12.46 -31.13 -5.43
C THR A 415 -12.46 -31.72 -4.01
N ALA A 416 -13.54 -31.47 -3.27
CA ALA A 416 -13.69 -32.01 -1.92
C ALA A 416 -14.06 -33.49 -1.99
N ASP A 417 -15.00 -33.84 -2.87
CA ASP A 417 -15.44 -35.22 -3.04
C ASP A 417 -14.23 -36.11 -3.32
N ASP A 418 -13.39 -35.69 -4.28
CA ASP A 418 -12.24 -36.45 -4.70
C ASP A 418 -11.33 -36.73 -3.50
N ARG A 419 -11.17 -35.73 -2.64
CA ARG A 419 -10.27 -35.83 -1.49
C ARG A 419 -10.89 -36.72 -0.43
N MET A 420 -12.20 -36.52 -0.17
CA MET A 420 -12.96 -37.33 0.77
C MET A 420 -12.86 -38.80 0.39
N ALA A 421 -13.01 -39.07 -0.91
CA ALA A 421 -12.93 -40.42 -1.46
C ALA A 421 -11.53 -40.99 -1.22
N LYS A 422 -10.50 -40.21 -1.57
CA LYS A 422 -9.13 -40.69 -1.55
C LYS A 422 -8.64 -40.87 -0.12
N TYR A 423 -8.96 -39.90 0.75
CA TYR A 423 -8.39 -39.83 2.09
C TYR A 423 -9.21 -40.69 3.05
N PHE A 424 -10.50 -40.89 2.76
CA PHE A 424 -11.39 -41.64 3.63
C PHE A 424 -12.24 -42.59 2.79
N PRO A 425 -11.66 -43.69 2.26
CA PRO A 425 -12.37 -44.56 1.31
C PRO A 425 -13.66 -45.15 1.88
N ASN A 426 -13.57 -45.64 3.12
CA ASN A 426 -14.68 -46.30 3.78
C ASN A 426 -15.31 -45.31 4.76
N ALA A 427 -15.93 -44.26 4.21
CA ALA A 427 -16.53 -43.20 5.02
C ALA A 427 -17.70 -42.58 4.26
N SER A 428 -18.79 -42.31 5.00
CA SER A 428 -19.99 -41.71 4.45
C SER A 428 -20.04 -40.24 4.88
N PHE A 429 -20.37 -39.35 3.94
CA PHE A 429 -20.36 -37.92 4.22
C PHE A 429 -21.49 -37.22 3.49
N GLU A 430 -22.12 -36.25 4.18
CA GLU A 430 -23.14 -35.39 3.62
C GLU A 430 -22.48 -34.27 2.84
N MET A 431 -22.31 -34.48 1.53
CA MET A 431 -21.49 -33.61 0.70
C MET A 431 -22.37 -32.66 -0.10
N GLY A 432 -23.63 -32.49 0.33
CA GLY A 432 -24.59 -31.63 -0.34
C GLY A 432 -25.29 -32.36 -1.48
N THR A 433 -26.35 -31.73 -1.99
CA THR A 433 -27.13 -32.26 -3.11
C THR A 433 -26.57 -31.73 -4.42
N PRO A 434 -26.03 -32.60 -5.31
CA PRO A 434 -25.33 -32.15 -6.51
C PRO A 434 -26.16 -31.24 -7.40
N VAL A 435 -25.47 -30.35 -8.12
CA VAL A 435 -26.12 -29.34 -8.96
C VAL A 435 -26.51 -30.01 -10.27
N GLU A 436 -27.80 -29.90 -10.62
CA GLU A 436 -28.35 -30.56 -11.80
C GLU A 436 -28.71 -29.53 -12.89
N VAL A 437 -28.24 -28.28 -12.73
CA VAL A 437 -28.60 -27.19 -13.61
C VAL A 437 -27.37 -26.30 -13.86
N ILE B 3 12.50 -25.22 -20.57
CA ILE B 3 11.19 -24.50 -20.50
C ILE B 3 10.54 -24.52 -21.88
N SER B 4 9.32 -25.04 -21.96
CA SER B 4 8.62 -25.16 -23.24
C SER B 4 7.11 -25.11 -23.03
N TYR B 5 6.46 -24.15 -23.71
CA TYR B 5 5.01 -24.04 -23.70
C TYR B 5 4.37 -25.19 -24.47
N LEU B 6 3.58 -26.02 -23.78
CA LEU B 6 2.81 -27.06 -24.45
C LEU B 6 1.48 -26.47 -24.92
N LYS B 7 0.70 -25.96 -23.96
CA LYS B 7 -0.58 -25.35 -24.24
C LYS B 7 -0.46 -23.84 -24.07
N LYS B 8 -1.32 -23.09 -24.78
CA LYS B 8 -1.24 -21.64 -24.78
C LYS B 8 -2.65 -21.06 -24.75
N ALA B 9 -2.74 -19.73 -24.77
CA ALA B 9 -4.01 -19.02 -24.67
C ALA B 9 -4.14 -18.02 -25.83
N ALA B 20 -18.35 1.91 -20.78
CA ALA B 20 -19.05 3.12 -20.27
C ALA B 20 -18.15 3.88 -19.30
N GLN B 21 -18.22 3.54 -18.00
CA GLN B 21 -17.38 4.11 -16.96
C GLN B 21 -17.43 5.63 -16.98
N LYS B 22 -18.53 6.19 -17.49
CA LYS B 22 -18.73 7.63 -17.59
C LYS B 22 -19.98 8.02 -16.80
N VAL B 23 -20.89 7.06 -16.59
CA VAL B 23 -22.02 7.22 -15.71
C VAL B 23 -21.51 7.43 -14.27
N VAL B 24 -20.28 6.97 -14.02
CA VAL B 24 -19.65 7.12 -12.71
C VAL B 24 -19.44 8.60 -12.37
N THR B 25 -19.02 9.41 -13.36
CA THR B 25 -18.76 10.82 -13.13
C THR B 25 -20.06 11.55 -12.79
N GLU B 26 -21.15 11.20 -13.49
CA GLU B 26 -22.42 11.90 -13.37
C GLU B 26 -23.12 11.51 -12.08
N MET B 27 -23.25 10.20 -11.84
CA MET B 27 -23.96 9.67 -10.69
C MET B 27 -23.34 10.22 -9.39
N LEU B 28 -21.99 10.22 -9.33
CA LEU B 28 -21.27 10.79 -8.20
C LEU B 28 -21.58 12.28 -8.09
N ALA B 29 -21.48 12.99 -9.22
CA ALA B 29 -21.72 14.44 -9.25
C ALA B 29 -23.12 14.75 -8.72
N GLU B 30 -24.08 13.85 -8.97
CA GLU B 30 -25.45 14.03 -8.55
C GLU B 30 -25.60 13.70 -7.06
N ILE B 31 -24.88 12.66 -6.59
CA ILE B 31 -24.95 12.25 -5.19
C ILE B 31 -24.27 13.29 -4.32
N GLN B 32 -23.15 13.85 -4.79
CA GLN B 32 -22.42 14.89 -4.07
C GLN B 32 -23.33 16.07 -3.75
N ALA B 33 -24.15 16.48 -4.73
CA ALA B 33 -24.97 17.68 -4.61
C ALA B 33 -26.23 17.41 -3.79
N ARG B 34 -26.92 16.29 -4.10
CA ARG B 34 -28.25 16.04 -3.57
C ARG B 34 -28.20 15.14 -2.33
N GLY B 35 -27.18 14.27 -2.24
CA GLY B 35 -26.95 13.47 -1.06
C GLY B 35 -27.84 12.22 -1.01
N LYS B 36 -28.50 12.00 0.13
CA LYS B 36 -29.31 10.82 0.37
C LYS B 36 -30.47 10.73 -0.63
N ASP B 37 -31.00 11.90 -1.01
CA ASP B 37 -32.13 11.98 -1.92
C ASP B 37 -31.81 11.25 -3.23
N ALA B 38 -30.61 11.53 -3.77
CA ALA B 38 -30.19 10.99 -5.06
C ALA B 38 -30.03 9.47 -4.98
N VAL B 39 -29.65 8.98 -3.80
CA VAL B 39 -29.40 7.55 -3.60
C VAL B 39 -30.72 6.80 -3.61
N ARG B 40 -31.76 7.34 -2.93
CA ARG B 40 -33.07 6.73 -2.93
C ARG B 40 -33.70 6.84 -4.32
N GLN B 41 -33.42 7.94 -5.01
CA GLN B 41 -33.83 8.12 -6.40
C GLN B 41 -33.23 7.01 -7.26
N TYR B 42 -31.89 6.90 -7.23
CA TYR B 42 -31.15 5.92 -8.03
C TYR B 42 -31.52 4.49 -7.63
N ALA B 43 -32.03 4.30 -6.40
CA ALA B 43 -32.38 2.98 -5.91
C ALA B 43 -33.58 2.41 -6.68
N LYS B 44 -34.56 3.26 -7.00
CA LYS B 44 -35.79 2.82 -7.67
C LYS B 44 -35.60 2.75 -9.19
N GLN B 45 -34.63 3.50 -9.71
CA GLN B 45 -34.41 3.57 -11.15
C GLN B 45 -33.53 2.40 -11.63
N LEU B 46 -32.78 1.78 -10.70
CA LEU B 46 -31.83 0.74 -11.03
C LEU B 46 -32.17 -0.58 -10.35
N ASP B 47 -32.95 -0.53 -9.26
CA ASP B 47 -33.29 -1.73 -8.50
C ASP B 47 -34.75 -1.73 -8.07
N GLY B 48 -35.43 -0.57 -8.14
CA GLY B 48 -36.83 -0.47 -7.74
C GLY B 48 -37.03 -0.52 -6.24
N TRP B 49 -36.04 -0.03 -5.46
CA TRP B 49 -36.06 -0.17 -4.01
C TRP B 49 -36.95 0.90 -3.38
N SER B 50 -37.85 0.44 -2.50
CA SER B 50 -38.87 1.29 -1.90
C SER B 50 -38.56 1.63 -0.45
N GLY B 51 -38.17 0.61 0.34
CA GLY B 51 -37.94 0.77 1.77
C GLY B 51 -36.69 1.59 2.09
N ASP B 52 -36.36 1.70 3.38
CA ASP B 52 -35.15 2.42 3.80
C ASP B 52 -33.93 1.58 3.44
N ILE B 53 -32.80 2.26 3.28
CA ILE B 53 -31.55 1.62 2.88
C ILE B 53 -30.98 0.85 4.07
N VAL B 54 -30.95 1.49 5.24
CA VAL B 54 -30.35 0.93 6.43
C VAL B 54 -31.32 -0.10 7.02
N LEU B 55 -30.84 -1.33 7.18
CA LEU B 55 -31.62 -2.37 7.86
C LEU B 55 -31.53 -2.15 9.37
N THR B 56 -32.20 -3.02 10.14
CA THR B 56 -32.22 -2.94 11.59
C THR B 56 -32.13 -4.36 12.15
N PRO B 57 -31.83 -4.53 13.46
CA PRO B 57 -31.75 -5.87 14.06
C PRO B 57 -32.90 -6.81 13.73
N ASP B 58 -34.12 -6.26 13.62
CA ASP B 58 -35.32 -7.04 13.35
C ASP B 58 -35.34 -7.51 11.89
N GLN B 59 -35.08 -6.59 10.97
CA GLN B 59 -35.10 -6.89 9.54
C GLN B 59 -34.03 -7.93 9.19
N ILE B 60 -32.89 -7.86 9.88
CA ILE B 60 -31.78 -8.79 9.66
C ILE B 60 -32.15 -10.18 10.18
N ARG B 61 -32.82 -10.23 11.33
CA ARG B 61 -33.25 -11.48 11.95
C ARG B 61 -34.37 -12.12 11.14
N GLU B 62 -35.37 -11.30 10.76
CA GLU B 62 -36.50 -11.75 9.97
C GLU B 62 -35.98 -12.37 8.68
N GLN B 63 -35.14 -11.63 7.97
CA GLN B 63 -34.76 -12.01 6.61
C GLN B 63 -33.80 -13.20 6.61
N THR B 64 -33.32 -13.63 7.79
CA THR B 64 -32.37 -14.74 7.86
C THR B 64 -32.92 -15.91 8.68
N LYS B 65 -34.25 -15.95 8.90
CA LYS B 65 -34.86 -17.04 9.65
C LYS B 65 -34.99 -18.27 8.75
N ASP B 66 -35.04 -18.03 7.43
CA ASP B 66 -35.19 -19.09 6.44
C ASP B 66 -33.93 -19.96 6.35
N VAL B 67 -32.79 -19.46 6.83
CA VAL B 67 -31.52 -20.15 6.69
C VAL B 67 -31.38 -21.18 7.81
N PRO B 68 -31.27 -22.49 7.50
CA PRO B 68 -31.19 -23.53 8.54
C PRO B 68 -29.91 -23.52 9.39
N ALA B 69 -29.95 -24.28 10.50
CA ALA B 69 -28.89 -24.31 11.49
C ALA B 69 -27.63 -24.96 10.92
N GLY B 70 -27.80 -25.96 10.06
CA GLY B 70 -26.69 -26.67 9.45
C GLY B 70 -25.95 -25.82 8.42
N VAL B 71 -26.70 -24.95 7.73
CA VAL B 71 -26.13 -24.02 6.77
C VAL B 71 -25.33 -22.95 7.52
N ARG B 72 -25.94 -22.38 8.56
CA ARG B 72 -25.32 -21.36 9.39
C ARG B 72 -24.01 -21.88 9.99
N ALA B 73 -24.04 -23.11 10.52
CA ALA B 73 -22.88 -23.73 11.15
C ALA B 73 -21.74 -23.87 10.14
N ASP B 74 -22.10 -24.13 8.87
CA ASP B 74 -21.13 -24.19 7.78
C ASP B 74 -20.50 -22.82 7.56
N ILE B 75 -21.35 -21.79 7.37
CA ILE B 75 -20.85 -20.46 7.08
C ILE B 75 -20.03 -19.96 8.28
N ASP B 76 -20.55 -20.14 9.50
CA ASP B 76 -19.86 -19.73 10.71
C ASP B 76 -18.47 -20.34 10.78
N PHE B 77 -18.36 -21.62 10.41
CA PHE B 77 -17.08 -22.32 10.44
C PHE B 77 -16.12 -21.67 9.44
N ALA B 78 -16.64 -21.39 8.24
CA ALA B 78 -15.81 -20.85 7.16
C ALA B 78 -15.30 -19.46 7.54
N ILE B 79 -16.11 -18.69 8.26
CA ILE B 79 -15.71 -17.36 8.69
C ILE B 79 -14.61 -17.48 9.76
N ARG B 80 -14.72 -18.47 10.65
CA ARG B 80 -13.71 -18.67 11.68
C ARG B 80 -12.35 -19.01 11.07
N GLN B 81 -12.34 -19.68 9.92
CA GLN B 81 -11.08 -20.03 9.27
C GLN B 81 -10.42 -18.77 8.68
N VAL B 82 -11.21 -17.71 8.43
CA VAL B 82 -10.67 -16.44 7.98
C VAL B 82 -10.27 -15.61 9.19
N THR B 83 -11.25 -15.32 10.05
CA THR B 83 -11.07 -14.53 11.26
C THR B 83 -9.85 -14.97 12.07
N ASP B 84 -9.68 -16.28 12.26
CA ASP B 84 -8.67 -16.78 13.18
C ASP B 84 -7.28 -16.51 12.60
N PHE B 85 -7.14 -16.63 11.28
CA PHE B 85 -5.91 -16.24 10.61
C PHE B 85 -5.68 -14.75 10.73
N ALA B 86 -6.71 -13.95 10.42
CA ALA B 86 -6.61 -12.52 10.45
C ALA B 86 -6.16 -12.04 11.83
N LEU B 87 -6.63 -12.69 12.90
CA LEU B 87 -6.29 -12.28 14.25
C LEU B 87 -4.79 -12.47 14.46
N ALA B 88 -4.25 -13.59 13.97
CA ALA B 88 -2.83 -13.86 14.10
C ALA B 88 -2.04 -12.86 13.26
N GLN B 89 -2.54 -12.56 12.06
CA GLN B 89 -1.79 -11.72 11.15
C GLN B 89 -1.73 -10.30 11.69
N ARG B 90 -2.76 -9.90 12.46
CA ARG B 90 -2.81 -8.56 13.02
C ARG B 90 -1.64 -8.35 13.98
N GLU B 91 -1.30 -9.37 14.77
CA GLU B 91 -0.25 -9.26 15.77
C GLU B 91 1.14 -9.35 15.15
N SER B 92 1.25 -9.56 13.84
CA SER B 92 2.54 -9.74 13.18
C SER B 92 3.19 -8.40 12.86
N LEU B 93 2.40 -7.31 12.89
CA LEU B 93 2.94 -5.96 12.71
C LEU B 93 2.99 -5.28 14.08
N LYS B 94 4.21 -5.12 14.62
CA LYS B 94 4.38 -4.72 16.01
C LYS B 94 4.62 -3.23 16.15
N GLU B 95 4.12 -2.65 17.24
CA GLU B 95 4.57 -1.35 17.71
C GLU B 95 5.92 -1.49 18.41
N PHE B 96 6.77 -0.45 18.32
CA PHE B 96 8.07 -0.52 18.98
C PHE B 96 8.58 0.89 19.30
N SER B 97 9.55 0.92 20.23
CA SER B 97 10.41 2.08 20.48
C SER B 97 11.87 1.64 20.42
N VAL B 98 12.73 2.52 19.92
CA VAL B 98 14.13 2.17 19.73
C VAL B 98 14.98 3.42 19.95
N GLU B 99 16.17 3.22 20.54
CA GLU B 99 17.16 4.29 20.66
C GLU B 99 18.16 4.14 19.52
N LEU B 100 18.36 5.23 18.77
CA LEU B 100 19.32 5.26 17.68
C LEU B 100 20.62 5.86 18.21
N HIS B 101 21.06 6.98 17.62
CA HIS B 101 22.04 7.87 18.25
C HIS B 101 21.60 8.08 19.70
N PRO B 102 22.52 8.03 20.68
CA PRO B 102 22.14 8.22 22.09
C PRO B 102 21.24 9.44 22.28
N GLY B 103 20.10 9.22 22.94
CA GLY B 103 19.16 10.29 23.25
C GLY B 103 18.17 10.56 22.13
N VAL B 104 18.25 9.80 21.02
CA VAL B 104 17.22 9.80 19.99
C VAL B 104 16.32 8.58 20.18
N THR B 105 15.06 8.82 20.56
CA THR B 105 14.07 7.76 20.61
C THR B 105 13.14 7.90 19.41
N ALA B 106 12.85 6.77 18.76
CA ALA B 106 11.97 6.75 17.62
C ALA B 106 11.15 5.46 17.63
N GLY B 107 9.96 5.51 17.01
CA GLY B 107 9.06 4.38 17.08
C GLY B 107 7.94 4.39 16.03
N GLN B 108 7.08 3.39 16.18
CA GLN B 108 6.02 3.10 15.24
C GLN B 108 4.76 2.73 16.02
N ARG B 109 3.68 3.45 15.75
CA ARG B 109 2.35 3.04 16.18
C ARG B 109 1.69 2.27 15.03
N VAL B 110 0.78 1.36 15.41
CA VAL B 110 -0.04 0.60 14.48
C VAL B 110 -1.49 0.80 14.89
N LEU B 111 -2.25 1.47 14.02
CA LEU B 111 -3.62 1.89 14.29
C LEU B 111 -4.56 1.29 13.25
N PRO B 112 -5.69 0.66 13.66
CA PRO B 112 -6.77 0.39 12.72
C PRO B 112 -7.30 1.70 12.15
N VAL B 113 -7.78 1.68 10.89
CA VAL B 113 -8.59 2.77 10.37
C VAL B 113 -9.94 2.76 11.08
N ASN B 114 -10.73 3.82 10.87
CA ASN B 114 -11.94 4.04 11.64
C ASN B 114 -13.11 3.25 11.05
N VAL B 115 -13.31 3.36 9.73
CA VAL B 115 -14.48 2.79 9.09
C VAL B 115 -14.07 2.13 7.78
N VAL B 116 -14.57 0.91 7.58
CA VAL B 116 -14.39 0.18 6.33
C VAL B 116 -15.76 -0.07 5.71
N GLY B 117 -15.87 0.21 4.40
CA GLY B 117 -17.03 -0.18 3.61
C GLY B 117 -16.78 -1.53 2.93
N CYS B 118 -17.74 -2.45 3.05
CA CYS B 118 -17.68 -3.72 2.36
C CYS B 118 -18.85 -3.82 1.39
N TYR B 119 -18.57 -4.29 0.16
CA TYR B 119 -19.60 -4.47 -0.85
C TYR B 119 -19.57 -5.91 -1.33
N ALA B 120 -20.73 -6.57 -1.30
CA ALA B 120 -20.86 -7.94 -1.79
C ALA B 120 -21.87 -7.98 -2.92
N PRO B 121 -21.53 -8.55 -4.10
CA PRO B 121 -22.52 -8.83 -5.13
C PRO B 121 -23.36 -10.02 -4.67
N ALA B 122 -24.69 -9.82 -4.61
CA ALA B 122 -25.58 -10.84 -4.08
C ALA B 122 -25.86 -11.91 -5.13
N GLY B 123 -25.34 -11.73 -6.34
CA GLY B 123 -25.60 -12.61 -7.48
C GLY B 123 -25.18 -14.05 -7.24
N ARG B 124 -25.72 -14.96 -8.08
CA ARG B 124 -25.31 -16.36 -8.11
C ARG B 124 -24.02 -16.45 -8.94
N TYR B 125 -23.36 -17.62 -8.84
CA TYR B 125 -22.06 -17.84 -9.48
C TYR B 125 -20.98 -17.02 -8.76
N ALA B 126 -21.32 -16.43 -7.61
CA ALA B 126 -20.36 -15.79 -6.72
C ALA B 126 -20.21 -16.64 -5.46
N HIS B 127 -19.07 -16.51 -4.78
CA HIS B 127 -18.86 -17.17 -3.50
C HIS B 127 -19.51 -16.34 -2.39
N ILE B 128 -20.06 -17.04 -1.39
CA ILE B 128 -20.51 -16.40 -0.16
C ILE B 128 -19.31 -15.76 0.53
N ALA B 129 -18.12 -16.35 0.31
CA ALA B 129 -16.86 -15.82 0.84
C ALA B 129 -16.68 -14.36 0.45
N SER B 130 -17.20 -13.97 -0.72
CA SER B 130 -17.17 -12.59 -1.19
C SER B 130 -17.72 -11.64 -0.13
N ALA B 131 -18.79 -12.07 0.56
CA ALA B 131 -19.51 -11.19 1.46
C ALA B 131 -18.83 -11.11 2.83
N TYR B 132 -18.19 -12.19 3.29
CA TYR B 132 -17.68 -12.21 4.66
C TYR B 132 -16.19 -11.88 4.74
N MET B 133 -15.43 -12.00 3.64
CA MET B 133 -13.98 -11.85 3.69
C MET B 133 -13.57 -10.44 4.11
N GLY B 134 -14.12 -9.41 3.46
CA GLY B 134 -13.83 -8.04 3.83
C GLY B 134 -14.28 -7.70 5.25
N VAL B 135 -15.54 -7.99 5.56
CA VAL B 135 -16.14 -7.67 6.84
C VAL B 135 -15.32 -8.30 7.95
N ALA B 136 -15.11 -9.62 7.88
CA ALA B 136 -14.43 -10.35 8.92
C ALA B 136 -12.98 -9.87 9.07
N THR B 137 -12.31 -9.57 7.96
CA THR B 137 -10.92 -9.15 8.01
C THR B 137 -10.84 -7.78 8.69
N ALA B 138 -11.72 -6.85 8.31
CA ALA B 138 -11.74 -5.53 8.89
C ALA B 138 -11.97 -5.60 10.41
N LYS B 139 -12.85 -6.49 10.85
CA LYS B 139 -13.18 -6.59 12.26
C LYS B 139 -11.99 -7.14 13.04
N ALA B 140 -11.31 -8.14 12.49
CA ALA B 140 -10.16 -8.73 13.16
C ALA B 140 -9.02 -7.72 13.24
N ALA B 141 -8.99 -6.77 12.28
CA ALA B 141 -8.01 -5.69 12.25
C ALA B 141 -8.23 -4.71 13.41
N GLY B 142 -9.41 -4.75 14.02
CA GLY B 142 -9.78 -3.84 15.10
C GLY B 142 -10.56 -2.62 14.59
N VAL B 143 -10.98 -2.63 13.32
CA VAL B 143 -11.78 -1.53 12.80
C VAL B 143 -13.10 -1.48 13.57
N LYS B 144 -13.50 -0.30 14.05
CA LYS B 144 -14.60 -0.23 15.00
C LYS B 144 -15.94 -0.11 14.28
N THR B 145 -15.96 0.38 13.04
CA THR B 145 -17.20 0.46 12.27
C THR B 145 -17.01 -0.16 10.89
N VAL B 146 -17.80 -1.20 10.63
CA VAL B 146 -17.85 -1.78 9.29
C VAL B 146 -19.25 -1.59 8.75
N VAL B 147 -19.34 -0.81 7.65
CA VAL B 147 -20.53 -0.71 6.84
C VAL B 147 -20.47 -1.77 5.75
N ALA B 148 -21.58 -2.47 5.53
CA ALA B 148 -21.67 -3.53 4.53
C ALA B 148 -22.89 -3.30 3.63
N CYS B 149 -22.64 -3.12 2.32
CA CYS B 149 -23.69 -3.00 1.31
C CYS B 149 -23.80 -4.28 0.48
N SER B 150 -25.00 -4.55 -0.03
CA SER B 150 -25.20 -5.58 -1.04
C SER B 150 -26.51 -5.33 -1.78
N SER B 151 -26.45 -5.45 -3.12
CA SER B 151 -27.56 -5.11 -4.00
C SER B 151 -28.76 -6.01 -3.69
N PRO B 152 -30.00 -5.45 -3.67
CA PRO B 152 -31.19 -6.24 -3.37
C PRO B 152 -31.52 -7.25 -4.47
N PHE B 153 -32.42 -8.20 -4.15
CA PHE B 153 -32.83 -9.24 -5.07
C PHE B 153 -34.32 -9.14 -5.34
N ARG B 154 -34.68 -8.49 -6.45
CA ARG B 154 -36.04 -8.39 -6.93
C ARG B 154 -36.96 -7.88 -5.80
N GLY B 155 -36.54 -6.77 -5.17
CA GLY B 155 -37.33 -6.10 -4.16
C GLY B 155 -37.63 -6.98 -2.93
N GLN B 156 -36.81 -8.01 -2.70
CA GLN B 156 -37.07 -8.98 -1.64
C GLN B 156 -35.97 -8.91 -0.57
N GLY B 157 -34.99 -8.01 -0.74
CA GLY B 157 -33.90 -7.84 0.21
C GLY B 157 -32.58 -8.38 -0.35
N ILE B 158 -31.58 -8.46 0.54
CA ILE B 158 -30.28 -9.04 0.20
C ILE B 158 -30.39 -10.55 0.30
N HIS B 159 -29.71 -11.28 -0.60
CA HIS B 159 -29.66 -12.73 -0.51
C HIS B 159 -29.41 -13.10 0.95
N PRO B 160 -30.34 -13.83 1.62
CA PRO B 160 -30.17 -14.19 3.03
C PRO B 160 -28.84 -14.83 3.41
N HIS B 161 -28.14 -15.42 2.42
CA HIS B 161 -26.82 -15.98 2.63
C HIS B 161 -25.78 -14.87 2.77
N VAL B 162 -25.92 -13.82 1.94
CA VAL B 162 -25.05 -12.66 2.02
C VAL B 162 -25.34 -11.91 3.32
N LEU B 163 -26.62 -11.80 3.68
CA LEU B 163 -27.05 -11.07 4.86
C LEU B 163 -26.58 -11.79 6.11
N TYR B 164 -26.79 -13.12 6.18
CA TYR B 164 -26.37 -13.91 7.33
C TYR B 164 -24.85 -13.79 7.53
N ALA B 165 -24.10 -13.83 6.41
CA ALA B 165 -22.65 -13.76 6.41
C ALA B 165 -22.17 -12.41 6.95
N PHE B 166 -22.70 -11.33 6.37
CA PHE B 166 -22.48 -9.98 6.87
C PHE B 166 -22.58 -9.94 8.39
N GLN B 167 -23.75 -10.35 8.89
CA GLN B 167 -24.06 -10.29 10.32
C GLN B 167 -23.09 -11.16 11.11
N ALA B 168 -22.91 -12.41 10.67
CA ALA B 168 -22.11 -13.38 11.40
C ALA B 168 -20.64 -12.97 11.40
N ALA B 169 -20.22 -12.24 10.37
CA ALA B 169 -18.85 -11.80 10.20
C ALA B 169 -18.56 -10.61 11.12
N GLY B 170 -19.63 -9.91 11.54
CA GLY B 170 -19.54 -8.87 12.54
C GLY B 170 -19.74 -7.46 11.96
N ALA B 171 -20.46 -7.37 10.83
CA ALA B 171 -20.82 -6.08 10.29
C ALA B 171 -21.58 -5.28 11.35
N ASP B 172 -21.33 -3.97 11.41
CA ASP B 172 -21.99 -3.09 12.37
C ASP B 172 -23.24 -2.48 11.72
N VAL B 173 -23.09 -2.05 10.46
CA VAL B 173 -24.20 -1.49 9.70
C VAL B 173 -24.37 -2.32 8.42
N ILE B 174 -25.60 -2.78 8.16
CA ILE B 174 -25.92 -3.50 6.94
C ILE B 174 -26.94 -2.69 6.13
N MET B 175 -26.58 -2.35 4.89
CA MET B 175 -27.38 -1.51 4.01
C MET B 175 -27.67 -2.26 2.72
N ALA B 176 -28.95 -2.54 2.46
CA ALA B 176 -29.39 -3.05 1.17
C ALA B 176 -29.28 -1.92 0.14
N LEU B 177 -28.25 -2.00 -0.70
CA LEU B 177 -27.95 -0.96 -1.67
C LEU B 177 -26.87 -1.46 -2.62
N GLY B 178 -26.91 -1.01 -3.87
CA GLY B 178 -26.13 -1.64 -4.93
C GLY B 178 -25.28 -0.63 -5.70
N GLY B 179 -24.33 -1.16 -6.47
CA GLY B 179 -23.58 -0.41 -7.47
C GLY B 179 -22.96 0.87 -6.93
N VAL B 180 -22.95 1.91 -7.78
CA VAL B 180 -22.24 3.15 -7.53
C VAL B 180 -22.87 3.84 -6.32
N GLN B 181 -24.17 3.57 -6.10
CA GLN B 181 -24.90 4.14 -4.98
C GLN B 181 -24.28 3.63 -3.68
N ALA B 182 -24.02 2.32 -3.64
CA ALA B 182 -23.42 1.67 -2.49
C ALA B 182 -22.07 2.31 -2.17
N ILE B 183 -21.17 2.30 -3.17
CA ILE B 183 -19.80 2.73 -2.99
C ILE B 183 -19.78 4.18 -2.50
N ALA B 184 -20.52 5.06 -3.20
CA ALA B 184 -20.55 6.48 -2.90
C ALA B 184 -21.22 6.73 -1.54
N SER B 185 -22.31 6.00 -1.26
CA SER B 185 -22.96 6.10 0.04
C SER B 185 -21.94 5.87 1.15
N MET B 186 -21.22 4.74 1.04
CA MET B 186 -20.27 4.33 2.06
C MET B 186 -19.10 5.33 2.11
N ALA B 187 -18.67 5.82 0.94
CA ALA B 187 -17.47 6.64 0.83
C ALA B 187 -17.72 8.05 1.37
N TYR B 188 -18.93 8.57 1.19
CA TYR B 188 -19.31 9.87 1.71
C TYR B 188 -19.92 9.70 3.11
N GLY B 189 -20.40 8.49 3.41
CA GLY B 189 -20.95 8.18 4.72
C GLY B 189 -22.42 8.55 4.84
N LEU B 190 -23.12 8.51 3.71
CA LEU B 190 -24.56 8.77 3.68
C LEU B 190 -25.26 7.66 4.44
N PHE B 191 -26.27 8.05 5.25
CA PHE B 191 -27.13 7.14 6.01
C PHE B 191 -26.54 6.81 7.39
N THR B 192 -25.24 7.04 7.58
CA THR B 192 -24.55 6.65 8.80
C THR B 192 -23.85 7.83 9.45
N GLY B 193 -23.43 8.81 8.63
CA GLY B 193 -22.61 9.92 9.08
C GLY B 193 -21.18 9.48 9.41
N LYS B 194 -20.74 8.39 8.77
CA LYS B 194 -19.42 7.81 9.01
C LYS B 194 -18.77 7.44 7.68
N PRO B 195 -18.02 8.38 7.05
CA PRO B 195 -17.30 8.09 5.81
C PRO B 195 -16.30 6.96 5.98
N ALA B 196 -16.34 5.98 5.06
CA ALA B 196 -15.40 4.87 5.08
C ALA B 196 -14.02 5.35 4.65
N ASP B 197 -12.99 4.99 5.43
CA ASP B 197 -11.62 5.31 5.09
C ASP B 197 -11.17 4.46 3.90
N VAL B 198 -11.80 3.30 3.73
CA VAL B 198 -11.56 2.47 2.55
C VAL B 198 -12.80 1.60 2.30
N VAL B 199 -12.99 1.23 1.03
CA VAL B 199 -14.08 0.37 0.61
C VAL B 199 -13.49 -0.80 -0.15
N VAL B 200 -14.09 -1.99 0.02
CA VAL B 200 -13.62 -3.19 -0.63
C VAL B 200 -14.82 -4.01 -1.10
N GLY B 201 -14.53 -5.02 -1.93
CA GLY B 201 -15.52 -5.97 -2.40
C GLY B 201 -15.58 -6.01 -3.92
N PRO B 202 -15.80 -7.19 -4.54
CA PRO B 202 -15.96 -7.28 -5.99
C PRO B 202 -17.27 -6.66 -6.47
N GLY B 203 -17.31 -6.29 -7.76
CA GLY B 203 -18.52 -5.80 -8.39
C GLY B 203 -18.36 -5.63 -9.90
N ASN B 204 -19.36 -5.04 -10.53
CA ASN B 204 -19.32 -4.74 -11.97
C ASN B 204 -18.36 -3.57 -12.21
N LYS B 205 -18.22 -3.18 -13.48
CA LYS B 205 -17.26 -2.16 -13.89
C LYS B 205 -17.67 -0.78 -13.36
N PHE B 206 -18.97 -0.56 -13.15
CA PHE B 206 -19.43 0.67 -12.55
C PHE B 206 -18.94 0.74 -11.10
N VAL B 207 -19.11 -0.36 -10.37
CA VAL B 207 -18.59 -0.51 -9.02
C VAL B 207 -17.08 -0.20 -9.02
N ALA B 208 -16.36 -0.72 -10.02
CA ALA B 208 -14.91 -0.63 -10.06
C ALA B 208 -14.45 0.82 -10.24
N GLU B 209 -14.95 1.50 -11.27
CA GLU B 209 -14.56 2.88 -11.54
C GLU B 209 -15.09 3.80 -10.45
N ALA B 210 -16.20 3.38 -9.80
CA ALA B 210 -16.70 4.08 -8.63
C ALA B 210 -15.65 4.03 -7.51
N LYS B 211 -14.98 2.88 -7.36
CA LYS B 211 -13.90 2.74 -6.38
C LYS B 211 -12.65 3.50 -6.84
N ARG B 212 -12.36 3.47 -8.15
CA ARG B 212 -11.15 4.07 -8.69
C ARG B 212 -11.20 5.59 -8.50
N SER B 213 -12.38 6.20 -8.72
CA SER B 213 -12.52 7.64 -8.70
C SER B 213 -12.52 8.17 -7.26
N LEU B 214 -13.26 7.49 -6.37
CA LEU B 214 -13.39 7.89 -4.98
C LEU B 214 -12.07 7.66 -4.24
N TYR B 215 -11.47 6.47 -4.41
CA TYR B 215 -10.21 6.14 -3.78
C TYR B 215 -9.16 5.91 -4.87
N PRO B 226 -11.12 -11.27 -12.83
CA PRO B 226 -11.69 -12.61 -12.87
C PRO B 226 -11.02 -13.59 -11.91
N SER B 227 -11.59 -14.81 -11.80
CA SER B 227 -11.06 -15.86 -10.94
C SER B 227 -9.72 -16.34 -11.48
N GLU B 228 -9.13 -17.36 -10.85
CA GLU B 228 -7.77 -17.76 -11.19
C GLU B 228 -7.39 -19.03 -10.42
N VAL B 229 -6.41 -19.76 -10.96
CA VAL B 229 -5.82 -20.90 -10.27
C VAL B 229 -4.55 -21.30 -11.01
N ALA B 230 -3.61 -21.88 -10.26
CA ALA B 230 -2.38 -22.41 -10.81
C ALA B 230 -1.97 -23.62 -9.99
N VAL B 231 -1.35 -24.60 -10.65
CA VAL B 231 -0.87 -25.79 -9.97
C VAL B 231 0.58 -26.02 -10.40
N ILE B 232 1.45 -26.11 -9.40
CA ILE B 232 2.80 -26.60 -9.59
C ILE B 232 2.79 -28.06 -9.17
N ALA B 233 3.43 -28.89 -9.98
CA ALA B 233 3.33 -30.33 -9.82
C ALA B 233 4.58 -31.00 -10.38
N ASP B 234 5.03 -32.05 -9.69
CA ASP B 234 6.11 -32.88 -10.18
C ASP B 234 5.52 -34.27 -10.47
N GLU B 235 6.39 -35.25 -10.69
CA GLU B 235 5.96 -36.58 -11.15
C GLU B 235 5.17 -37.29 -10.04
N THR B 236 5.30 -36.84 -8.78
CA THR B 236 4.60 -37.46 -7.66
C THR B 236 3.16 -36.95 -7.53
N ALA B 237 2.77 -35.96 -8.33
CA ALA B 237 1.43 -35.42 -8.24
C ALA B 237 0.43 -36.47 -8.72
N ASP B 238 -0.78 -36.44 -8.14
CA ASP B 238 -1.88 -37.26 -8.62
C ASP B 238 -2.61 -36.46 -9.70
N PRO B 239 -2.48 -36.84 -11.00
CA PRO B 239 -3.01 -36.03 -12.10
C PRO B 239 -4.52 -35.83 -12.08
N ALA B 240 -5.24 -36.76 -11.44
CA ALA B 240 -6.68 -36.66 -11.29
C ALA B 240 -7.01 -35.43 -10.44
N ILE B 241 -6.38 -35.33 -9.26
CA ILE B 241 -6.63 -34.25 -8.33
C ILE B 241 -6.20 -32.93 -8.97
N VAL B 242 -5.06 -32.94 -9.67
CA VAL B 242 -4.53 -31.74 -10.31
C VAL B 242 -5.54 -31.26 -11.35
N ALA B 243 -6.07 -32.22 -12.12
CA ALA B 243 -7.04 -31.94 -13.17
C ALA B 243 -8.31 -31.34 -12.56
N SER B 244 -8.82 -32.00 -11.52
CA SER B 244 -10.04 -31.57 -10.84
C SER B 244 -9.89 -30.17 -10.26
N ASP B 245 -8.70 -29.82 -9.75
CA ASP B 245 -8.50 -28.52 -9.12
C ASP B 245 -8.48 -27.44 -10.19
N LEU B 246 -7.91 -27.74 -11.35
CA LEU B 246 -7.92 -26.83 -12.48
C LEU B 246 -9.36 -26.63 -12.94
N VAL B 247 -10.15 -27.70 -12.86
CA VAL B 247 -11.54 -27.69 -13.32
C VAL B 247 -12.38 -26.90 -12.33
N GLY B 248 -12.00 -26.99 -11.05
CA GLY B 248 -12.76 -26.39 -9.95
C GLY B 248 -13.03 -24.90 -10.15
N GLN B 249 -12.00 -24.14 -10.54
CA GLN B 249 -12.09 -22.70 -10.69
C GLN B 249 -12.40 -22.32 -12.14
N ALA B 250 -12.21 -23.27 -13.06
CA ALA B 250 -12.56 -23.07 -14.46
C ALA B 250 -14.03 -22.69 -14.57
N GLU B 251 -14.87 -23.38 -13.78
CA GLU B 251 -16.32 -23.27 -13.88
C GLU B 251 -16.85 -21.91 -13.45
N HIS B 252 -15.97 -20.98 -13.05
CA HIS B 252 -16.39 -19.63 -12.70
C HIS B 252 -16.86 -18.88 -13.95
N GLY B 253 -16.04 -18.91 -15.01
CA GLY B 253 -16.40 -18.23 -16.24
C GLY B 253 -15.42 -18.54 -17.36
N HIS B 254 -15.65 -17.89 -18.51
CA HIS B 254 -14.90 -18.15 -19.74
C HIS B 254 -13.60 -17.36 -19.75
N GLU B 255 -13.32 -16.63 -18.65
CA GLU B 255 -12.15 -15.77 -18.54
C GLU B 255 -11.42 -16.04 -17.22
N SER B 256 -11.56 -17.27 -16.69
CA SER B 256 -10.87 -17.71 -15.50
C SER B 256 -9.66 -18.56 -15.88
N PRO B 257 -8.41 -18.04 -15.81
CA PRO B 257 -7.23 -18.82 -16.20
C PRO B 257 -7.02 -20.03 -15.29
N ALA B 258 -6.40 -21.07 -15.85
CA ALA B 258 -6.14 -22.31 -15.12
C ALA B 258 -4.81 -22.88 -15.58
N TRP B 259 -3.72 -22.52 -14.90
CA TRP B 259 -2.39 -22.82 -15.38
C TRP B 259 -1.83 -24.07 -14.71
N LEU B 260 -0.90 -24.73 -15.39
CA LEU B 260 -0.13 -25.83 -14.83
C LEU B 260 1.34 -25.60 -15.16
N PHE B 261 2.18 -25.59 -14.13
CA PHE B 261 3.63 -25.59 -14.31
C PHE B 261 4.14 -26.91 -13.76
N THR B 262 4.83 -27.69 -14.59
CA THR B 262 5.28 -29.01 -14.17
C THR B 262 6.65 -29.32 -14.78
N THR B 263 7.40 -30.19 -14.07
CA THR B 263 8.66 -30.72 -14.56
C THR B 263 8.42 -32.02 -15.32
N SER B 264 7.21 -32.59 -15.19
CA SER B 264 6.89 -33.92 -15.69
C SER B 264 6.03 -33.83 -16.95
N ARG B 265 6.59 -34.27 -18.08
CA ARG B 265 5.85 -34.36 -19.34
C ARG B 265 4.74 -35.39 -19.21
N ASP B 266 5.02 -36.50 -18.51
CA ASP B 266 4.03 -37.54 -18.30
C ASP B 266 2.78 -36.93 -17.68
N LEU B 267 2.93 -36.32 -16.50
CA LEU B 267 1.83 -35.71 -15.78
C LEU B 267 1.20 -34.61 -16.64
N ALA B 268 2.03 -33.83 -17.33
CA ALA B 268 1.56 -32.76 -18.21
C ALA B 268 0.56 -33.31 -19.23
N ASP B 269 0.84 -34.51 -19.77
CA ASP B 269 -0.02 -35.13 -20.77
C ASP B 269 -1.29 -35.65 -20.12
N ARG B 270 -1.14 -36.59 -19.17
CA ARG B 270 -2.29 -37.23 -18.53
C ARG B 270 -3.30 -36.19 -18.07
N VAL B 271 -2.80 -35.03 -17.59
CA VAL B 271 -3.66 -33.96 -17.12
C VAL B 271 -4.37 -33.30 -18.28
N MET B 272 -3.63 -32.91 -19.32
CA MET B 272 -4.22 -32.31 -20.51
C MET B 272 -5.27 -33.26 -21.10
N ALA B 273 -5.09 -34.56 -20.86
CA ALA B 273 -6.00 -35.59 -21.34
C ALA B 273 -7.26 -35.66 -20.47
N LEU B 274 -7.10 -35.54 -19.14
CA LEU B 274 -8.17 -35.87 -18.21
C LEU B 274 -9.05 -34.66 -17.89
N VAL B 275 -8.55 -33.45 -18.18
CA VAL B 275 -9.30 -32.24 -17.90
C VAL B 275 -10.61 -32.28 -18.69
N PRO B 276 -10.59 -32.47 -20.03
CA PRO B 276 -11.82 -32.48 -20.83
C PRO B 276 -12.86 -33.49 -20.35
N GLU B 277 -12.39 -34.63 -19.82
CA GLU B 277 -13.26 -35.71 -19.37
C GLU B 277 -13.99 -35.29 -18.10
N LEU B 278 -13.33 -34.47 -17.26
CA LEU B 278 -13.94 -33.93 -16.05
C LEU B 278 -14.91 -32.81 -16.40
N ILE B 279 -14.49 -31.92 -17.31
CA ILE B 279 -15.35 -30.85 -17.81
C ILE B 279 -16.62 -31.47 -18.38
N ALA B 280 -16.45 -32.41 -19.32
CA ALA B 280 -17.56 -33.04 -20.01
C ALA B 280 -18.55 -33.66 -19.01
N LYS B 281 -18.05 -34.19 -17.90
CA LYS B 281 -18.89 -34.87 -16.92
C LYS B 281 -19.57 -33.87 -15.97
N LEU B 282 -19.38 -32.55 -16.19
CA LEU B 282 -19.98 -31.53 -15.34
C LEU B 282 -21.44 -31.31 -15.70
N PRO B 283 -22.24 -30.68 -14.81
CA PRO B 283 -23.60 -30.24 -15.15
C PRO B 283 -23.63 -29.09 -16.15
N PRO B 284 -24.80 -28.81 -16.77
CA PRO B 284 -24.91 -27.90 -17.92
C PRO B 284 -24.11 -26.60 -17.91
N THR B 285 -24.40 -25.70 -16.97
CA THR B 285 -23.82 -24.36 -16.98
C THR B 285 -22.31 -24.45 -16.76
N ALA B 286 -21.90 -25.34 -15.84
CA ALA B 286 -20.52 -25.50 -15.44
C ALA B 286 -19.69 -26.16 -16.54
N ARG B 287 -20.35 -27.01 -17.35
CA ARG B 287 -19.69 -27.73 -18.42
CA ARG B 287 -19.68 -27.73 -18.42
C ARG B 287 -19.15 -26.74 -19.45
N ASP B 288 -20.03 -25.84 -19.92
CA ASP B 288 -19.67 -24.92 -20.99
C ASP B 288 -18.80 -23.80 -20.46
N ALA B 289 -19.04 -23.38 -19.21
CA ALA B 289 -18.22 -22.38 -18.55
C ALA B 289 -16.74 -22.81 -18.59
N ALA B 290 -16.49 -24.07 -18.22
CA ALA B 290 -15.14 -24.63 -18.13
C ALA B 290 -14.55 -24.92 -19.51
N THR B 291 -15.40 -25.27 -20.49
CA THR B 291 -14.95 -25.58 -21.84
C THR B 291 -14.29 -24.36 -22.48
N ALA B 292 -14.97 -23.21 -22.38
CA ALA B 292 -14.45 -21.96 -22.91
C ALA B 292 -13.13 -21.62 -22.24
N ALA B 293 -13.15 -21.63 -20.90
CA ALA B 293 -12.06 -21.14 -20.07
C ALA B 293 -10.79 -21.95 -20.31
N TRP B 294 -10.92 -23.28 -20.14
CA TRP B 294 -9.79 -24.18 -20.25
C TRP B 294 -9.17 -24.10 -21.65
N ARG B 295 -10.00 -23.79 -22.66
CA ARG B 295 -9.55 -23.62 -24.03
C ARG B 295 -8.91 -22.25 -24.21
N ASP B 296 -9.65 -21.19 -23.88
CA ASP B 296 -9.26 -19.82 -24.16
C ASP B 296 -8.05 -19.41 -23.30
N TYR B 297 -8.05 -19.81 -22.03
CA TYR B 297 -7.15 -19.24 -21.04
C TYR B 297 -6.27 -20.29 -20.38
N GLY B 298 -6.73 -21.54 -20.31
CA GLY B 298 -5.90 -22.64 -19.83
C GLY B 298 -4.51 -22.61 -20.47
N GLU B 299 -3.48 -22.91 -19.68
CA GLU B 299 -2.11 -23.02 -20.16
C GLU B 299 -1.42 -24.21 -19.49
N VAL B 300 -0.36 -24.69 -20.14
CA VAL B 300 0.48 -25.74 -19.60
C VAL B 300 1.93 -25.39 -19.92
N ILE B 301 2.83 -25.58 -18.96
CA ILE B 301 4.24 -25.28 -19.17
C ILE B 301 5.08 -26.40 -18.58
N LEU B 302 5.93 -26.99 -19.44
CA LEU B 302 6.89 -27.99 -19.04
C LEU B 302 8.23 -27.30 -18.80
N CYS B 303 8.92 -27.72 -17.73
CA CYS B 303 10.21 -27.14 -17.36
C CYS B 303 11.19 -28.26 -17.04
N GLY B 304 12.48 -27.96 -17.18
CA GLY B 304 13.53 -28.93 -16.92
C GLY B 304 13.85 -29.05 -15.43
N THR B 305 13.85 -27.92 -14.72
CA THR B 305 14.26 -27.86 -13.33
C THR B 305 13.19 -27.19 -12.46
N ARG B 306 13.26 -27.45 -11.14
CA ARG B 306 12.46 -26.75 -10.16
C ARG B 306 12.74 -25.24 -10.30
N GLU B 307 14.02 -24.91 -10.33
CA GLU B 307 14.48 -23.53 -10.34
C GLU B 307 13.81 -22.77 -11.48
N GLU B 308 13.52 -23.48 -12.58
CA GLU B 308 12.88 -22.91 -13.76
C GLU B 308 11.41 -22.61 -13.50
N VAL B 309 10.73 -23.54 -12.80
CA VAL B 309 9.31 -23.43 -12.49
C VAL B 309 9.06 -22.20 -11.61
N VAL B 310 9.96 -21.99 -10.63
CA VAL B 310 9.88 -20.84 -9.74
C VAL B 310 9.84 -19.57 -10.58
N GLU B 311 10.76 -19.51 -11.57
CA GLU B 311 10.92 -18.35 -12.44
C GLU B 311 9.60 -18.04 -13.14
N ILE B 312 8.94 -19.09 -13.63
CA ILE B 312 7.76 -18.90 -14.47
C ILE B 312 6.55 -18.59 -13.58
N SER B 313 6.40 -19.35 -12.50
CA SER B 313 5.33 -19.10 -11.54
C SER B 313 5.39 -17.64 -11.07
N ASP B 314 6.59 -17.18 -10.71
CA ASP B 314 6.79 -15.84 -10.18
C ASP B 314 6.39 -14.78 -11.21
N ARG B 315 6.61 -15.08 -12.50
CA ARG B 315 6.32 -14.12 -13.55
C ARG B 315 4.80 -14.02 -13.76
N TYR B 316 4.08 -15.13 -13.50
CA TYR B 316 2.64 -15.19 -13.68
C TYR B 316 1.91 -14.64 -12.45
N ALA B 317 2.35 -15.06 -11.26
CA ALA B 317 1.85 -14.55 -9.99
C ALA B 317 0.36 -14.83 -9.84
N SER B 318 -0.01 -16.12 -9.93
CA SER B 318 -1.40 -16.51 -9.83
C SER B 318 -1.97 -16.02 -8.50
N GLU B 319 -3.25 -15.65 -8.51
CA GLU B 319 -4.00 -15.28 -7.32
C GLU B 319 -4.08 -16.49 -6.39
N HIS B 320 -4.29 -17.68 -6.96
CA HIS B 320 -4.28 -18.93 -6.23
C HIS B 320 -3.23 -19.85 -6.85
N LEU B 321 -2.35 -20.41 -6.01
CA LEU B 321 -1.29 -21.27 -6.50
C LEU B 321 -1.21 -22.50 -5.60
N GLU B 322 -1.50 -23.67 -6.17
CA GLU B 322 -1.32 -24.94 -5.48
C GLU B 322 0.05 -25.51 -5.83
N VAL B 323 0.57 -26.34 -4.92
CA VAL B 323 1.90 -26.91 -5.03
C VAL B 323 1.80 -28.39 -4.65
N HIS B 324 1.75 -29.26 -5.67
CA HIS B 324 1.72 -30.70 -5.45
C HIS B 324 3.06 -31.27 -5.87
N THR B 325 4.02 -31.26 -4.93
CA THR B 325 5.35 -31.78 -5.19
C THR B 325 5.88 -32.46 -3.92
N ALA B 326 7.04 -33.13 -4.07
CA ALA B 326 7.87 -33.48 -2.94
C ALA B 326 8.64 -32.25 -2.51
N ASP B 327 9.16 -32.26 -1.28
CA ASP B 327 9.99 -31.18 -0.77
C ASP B 327 9.20 -29.87 -0.84
N LEU B 328 8.06 -29.84 -0.16
CA LEU B 328 7.17 -28.69 -0.15
C LEU B 328 7.87 -27.50 0.48
N ASP B 329 8.72 -27.75 1.49
CA ASP B 329 9.49 -26.69 2.13
C ASP B 329 10.26 -25.87 1.09
N TRP B 330 10.92 -26.54 0.14
CA TRP B 330 11.77 -25.86 -0.82
C TRP B 330 10.95 -24.81 -1.57
N TRP B 331 9.72 -25.20 -1.93
CA TRP B 331 8.83 -24.37 -2.73
C TRP B 331 8.33 -23.19 -1.90
N LEU B 332 7.99 -23.46 -0.64
CA LEU B 332 7.62 -22.41 0.30
C LEU B 332 8.76 -21.40 0.42
N ALA B 333 10.00 -21.89 0.39
CA ALA B 333 11.16 -21.04 0.60
C ALA B 333 11.48 -20.21 -0.65
N ASN B 334 11.21 -20.74 -1.84
CA ASN B 334 11.78 -20.18 -3.06
C ASN B 334 10.76 -19.45 -3.92
N LEU B 335 9.46 -19.81 -3.85
CA LEU B 335 8.42 -19.05 -4.55
C LEU B 335 8.31 -17.67 -3.91
N THR B 336 8.16 -16.61 -4.73
CA THR B 336 8.19 -15.27 -4.18
C THR B 336 7.05 -14.36 -4.68
N CYS B 337 6.23 -14.80 -5.63
CA CYS B 337 5.14 -13.96 -6.12
C CYS B 337 3.87 -14.77 -6.34
N TYR B 338 2.82 -14.46 -5.56
CA TYR B 338 1.53 -15.09 -5.66
C TYR B 338 0.52 -14.39 -4.74
N GLY B 339 -0.76 -14.67 -4.95
CA GLY B 339 -1.81 -14.22 -4.05
C GLY B 339 -1.86 -15.07 -2.79
N SER B 340 -2.28 -16.32 -2.94
CA SER B 340 -2.33 -17.25 -1.83
C SER B 340 -1.68 -18.58 -2.26
N LEU B 341 -0.87 -19.16 -1.36
CA LEU B 341 -0.23 -20.43 -1.63
C LEU B 341 -1.02 -21.54 -0.95
N PHE B 342 -1.29 -22.61 -1.71
CA PHE B 342 -1.82 -23.84 -1.15
C PHE B 342 -0.75 -24.92 -1.22
N LEU B 343 -0.18 -25.24 -0.06
CA LEU B 343 0.99 -26.08 0.01
C LEU B 343 0.55 -27.52 0.25
N GLY B 344 0.84 -28.40 -0.73
CA GLY B 344 0.49 -29.80 -0.65
C GLY B 344 -0.84 -30.09 -1.34
N GLU B 345 -1.20 -31.38 -1.40
CA GLU B 345 -2.38 -31.84 -2.12
C GLU B 345 -3.63 -31.62 -1.29
N GLU B 346 -3.51 -31.78 0.03
CA GLU B 346 -4.66 -31.92 0.91
C GLU B 346 -5.55 -30.67 0.81
N THR B 347 -4.97 -29.49 1.05
CA THR B 347 -5.74 -28.26 0.90
C THR B 347 -5.95 -28.03 -0.59
N THR B 348 -6.84 -27.09 -0.92
CA THR B 348 -7.13 -26.75 -2.30
C THR B 348 -7.86 -25.41 -2.34
N VAL B 349 -7.77 -24.73 -3.49
CA VAL B 349 -8.30 -23.39 -3.65
C VAL B 349 -9.70 -23.30 -3.03
N ALA B 350 -10.53 -24.32 -3.29
CA ALA B 350 -11.94 -24.26 -2.97
C ALA B 350 -12.17 -24.13 -1.46
N PHE B 351 -11.23 -24.65 -0.66
CA PHE B 351 -11.33 -24.60 0.80
C PHE B 351 -11.27 -23.16 1.30
N GLY B 352 -10.82 -22.24 0.45
CA GLY B 352 -10.99 -20.82 0.72
C GLY B 352 -9.66 -20.12 0.99
N ASP B 353 -9.62 -18.83 0.66
CA ASP B 353 -8.49 -17.99 0.96
C ASP B 353 -8.47 -17.65 2.45
N LYS B 354 -7.28 -17.31 2.95
CA LYS B 354 -7.12 -16.60 4.20
C LYS B 354 -7.04 -15.09 3.91
N THR B 355 -6.57 -14.77 2.70
CA THR B 355 -6.46 -13.40 2.23
C THR B 355 -6.73 -13.38 0.72
N SER B 356 -6.94 -12.19 0.17
CA SER B 356 -6.95 -11.99 -1.27
C SER B 356 -5.66 -11.28 -1.68
N GLY B 357 -5.01 -11.80 -2.73
CA GLY B 357 -3.86 -11.15 -3.33
C GLY B 357 -4.26 -9.90 -4.10
N PRO B 358 -3.32 -9.20 -4.79
CA PRO B 358 -3.62 -7.92 -5.43
C PRO B 358 -4.71 -8.01 -6.50
N ASN B 359 -5.66 -7.06 -6.44
CA ASN B 359 -6.73 -6.93 -7.43
C ASN B 359 -6.61 -5.56 -8.11
N GLY B 373 -3.57 -6.25 -1.76
CA GLY B 373 -4.72 -7.17 -1.66
C GLY B 373 -5.49 -6.99 -0.36
N LEU B 374 -6.35 -7.96 -0.03
CA LEU B 374 -7.17 -7.88 1.17
C LEU B 374 -6.50 -8.64 2.31
N SER B 375 -6.06 -7.90 3.33
CA SER B 375 -5.65 -8.49 4.60
C SER B 375 -5.80 -7.45 5.69
N VAL B 376 -5.55 -7.86 6.95
CA VAL B 376 -5.59 -6.94 8.08
C VAL B 376 -4.68 -5.75 7.83
N HIS B 377 -3.56 -5.96 7.13
CA HIS B 377 -2.59 -4.90 6.90
C HIS B 377 -3.21 -3.77 6.06
N LYS B 378 -4.19 -4.11 5.22
CA LYS B 378 -4.84 -3.13 4.37
C LYS B 378 -5.58 -2.09 5.20
N PHE B 379 -5.98 -2.46 6.42
CA PHE B 379 -6.85 -1.65 7.25
C PHE B 379 -6.10 -1.08 8.45
N MET B 380 -4.77 -0.95 8.35
CA MET B 380 -3.96 -0.52 9.48
C MET B 380 -2.93 0.50 9.01
N LYS B 381 -2.87 1.61 9.75
CA LYS B 381 -1.86 2.65 9.58
C LYS B 381 -0.65 2.35 10.45
N THR B 382 0.55 2.55 9.91
CA THR B 382 1.72 2.82 10.72
C THR B 382 1.87 4.34 10.80
N LEU B 383 2.17 4.84 12.01
CA LEU B 383 2.60 6.21 12.20
C LEU B 383 3.96 6.17 12.88
N THR B 384 4.94 6.91 12.34
CA THR B 384 6.26 6.95 12.91
C THR B 384 6.45 8.27 13.64
N TRP B 385 7.28 8.25 14.68
CA TRP B 385 7.53 9.41 15.51
C TRP B 385 8.99 9.40 15.98
N GLN B 386 9.50 10.58 16.34
CA GLN B 386 10.82 10.69 16.93
C GLN B 386 10.81 11.69 18.07
N GLN B 387 11.71 11.49 19.02
CA GLN B 387 11.91 12.37 20.15
C GLN B 387 13.38 12.42 20.51
N MET B 388 13.85 13.57 21.01
CA MET B 388 15.26 13.76 21.29
C MET B 388 15.46 14.43 22.65
N THR B 389 16.53 14.03 23.34
CA THR B 389 17.09 14.82 24.43
C THR B 389 17.87 16.01 23.85
N ARG B 390 18.21 16.99 24.70
CA ARG B 390 19.03 18.13 24.30
C ARG B 390 20.43 17.68 23.91
N GLU B 391 20.99 16.76 24.70
CA GLU B 391 22.28 16.14 24.46
C GLU B 391 22.37 15.65 23.01
N ALA B 392 21.32 15.01 22.51
CA ALA B 392 21.38 14.44 21.16
C ALA B 392 21.50 15.55 20.13
N THR B 393 20.88 16.71 20.39
CA THR B 393 20.89 17.79 19.40
C THR B 393 22.26 18.47 19.32
N ARG B 394 23.15 18.20 20.28
CA ARG B 394 24.48 18.75 20.25
C ARG B 394 25.14 18.35 18.93
N GLN B 395 25.05 17.06 18.58
CA GLN B 395 25.67 16.57 17.35
C GLN B 395 24.69 16.67 16.18
N ILE B 396 23.41 16.33 16.40
CA ILE B 396 22.45 16.28 15.30
C ILE B 396 22.21 17.68 14.75
N GLY B 397 22.13 18.67 15.65
CA GLY B 397 21.86 20.04 15.29
C GLY B 397 22.97 20.66 14.44
N GLN B 398 24.23 20.34 14.74
CA GLN B 398 25.34 21.01 14.06
C GLN B 398 25.61 20.34 12.71
N VAL B 399 25.36 19.03 12.61
CA VAL B 399 25.40 18.33 11.34
C VAL B 399 24.33 18.93 10.43
N THR B 400 23.13 19.17 10.98
CA THR B 400 22.00 19.65 10.21
C THR B 400 22.31 21.04 9.68
N ALA B 401 22.93 21.87 10.50
CA ALA B 401 23.23 23.25 10.12
C ALA B 401 24.23 23.28 8.96
N ARG B 402 25.23 22.39 9.01
CA ARG B 402 26.25 22.34 7.96
C ARG B 402 25.65 21.83 6.66
N ILE B 403 24.81 20.80 6.73
CA ILE B 403 24.24 20.21 5.53
C ILE B 403 23.29 21.21 4.88
N SER B 404 22.38 21.75 5.68
CA SER B 404 21.42 22.74 5.21
C SER B 404 22.15 23.87 4.47
N ARG B 405 23.26 24.37 5.01
CA ARG B 405 23.94 25.51 4.42
C ARG B 405 24.72 25.13 3.16
N LEU B 406 25.11 23.86 3.01
CA LEU B 406 25.61 23.39 1.72
C LEU B 406 24.47 23.36 0.71
N GLU B 407 23.27 22.96 1.16
CA GLU B 407 22.10 22.90 0.31
C GLU B 407 21.55 24.31 0.08
N GLY B 408 22.20 25.32 0.65
CA GLY B 408 21.74 26.70 0.53
C GLY B 408 20.42 26.95 1.25
N MET B 409 20.16 26.16 2.31
CA MET B 409 18.91 26.21 3.06
C MET B 409 19.15 26.90 4.39
N GLU B 410 19.23 28.24 4.37
CA GLU B 410 19.65 29.01 5.54
C GLU B 410 18.60 28.92 6.65
N ALA B 411 17.32 28.98 6.30
CA ALA B 411 16.26 28.95 7.29
C ALA B 411 16.23 27.61 8.02
N HIS B 412 16.45 26.50 7.29
CA HIS B 412 16.58 25.20 7.91
C HIS B 412 17.68 25.21 8.96
N ALA B 413 18.85 25.69 8.55
CA ALA B 413 20.02 25.76 9.40
C ALA B 413 19.73 26.58 10.67
N ARG B 414 18.81 27.55 10.56
CA ARG B 414 18.52 28.47 11.66
C ARG B 414 17.61 27.82 12.70
N THR B 415 16.88 26.77 12.31
CA THR B 415 16.13 25.99 13.28
C THR B 415 17.10 25.21 14.17
N ALA B 416 18.28 24.87 13.62
CA ALA B 416 19.33 24.22 14.39
C ALA B 416 20.08 25.23 15.25
N ASP B 417 20.44 26.38 14.67
CA ASP B 417 21.07 27.47 15.39
C ASP B 417 20.27 27.84 16.63
N ASP B 418 18.96 28.03 16.48
CA ASP B 418 18.11 28.52 17.55
C ASP B 418 18.11 27.51 18.70
N ARG B 419 18.10 26.22 18.37
CA ARG B 419 18.08 25.20 19.40
C ARG B 419 19.43 25.17 20.12
N MET B 420 20.50 25.43 19.36
CA MET B 420 21.85 25.36 19.89
C MET B 420 22.07 26.51 20.88
N ALA B 421 21.54 27.70 20.56
CA ALA B 421 21.65 28.86 21.42
C ALA B 421 20.82 28.69 22.69
N LYS B 422 19.67 28.01 22.59
CA LYS B 422 18.79 27.88 23.74
C LYS B 422 19.31 26.80 24.70
N TYR B 423 19.88 25.73 24.16
CA TYR B 423 20.25 24.57 24.97
C TYR B 423 21.70 24.66 25.41
N PHE B 424 22.54 25.31 24.60
CA PHE B 424 23.98 25.38 24.84
C PHE B 424 24.48 26.81 24.71
N PRO B 425 24.03 27.74 25.59
CA PRO B 425 24.17 29.18 25.35
C PRO B 425 25.51 29.78 24.97
N ASN B 426 26.62 29.15 25.39
CA ASN B 426 27.94 29.74 25.13
C ASN B 426 28.71 28.89 24.14
N ALA B 427 28.04 27.90 23.53
CA ALA B 427 28.70 27.03 22.57
C ALA B 427 29.06 27.79 21.30
N SER B 428 30.12 27.31 20.64
CA SER B 428 30.52 27.75 19.32
C SER B 428 30.91 26.50 18.53
N PHE B 429 29.92 25.90 17.87
CA PHE B 429 30.15 24.75 17.01
C PHE B 429 30.24 25.25 15.58
N GLU B 430 30.84 24.43 14.70
CA GLU B 430 30.80 24.72 13.28
C GLU B 430 29.38 24.44 12.78
N MET B 431 28.66 25.52 12.44
CA MET B 431 27.28 25.43 12.01
C MET B 431 27.18 25.75 10.51
N GLY B 432 28.34 25.80 9.82
CA GLY B 432 28.39 26.09 8.39
C GLY B 432 28.42 27.59 8.10
N THR B 433 28.85 27.95 6.89
CA THR B 433 28.90 29.34 6.46
C THR B 433 27.49 29.80 6.10
N PRO B 434 26.95 30.88 6.73
CA PRO B 434 25.65 31.43 6.36
C PRO B 434 25.56 31.66 4.86
N VAL B 435 24.39 31.37 4.29
CA VAL B 435 24.13 31.58 2.88
C VAL B 435 23.91 33.07 2.66
N GLU B 436 24.50 33.58 1.57
CA GLU B 436 24.40 34.98 1.21
C GLU B 436 23.51 35.13 -0.03
N VAL B 437 23.71 34.24 -1.02
CA VAL B 437 22.92 34.23 -2.24
C VAL B 437 21.44 34.38 -1.90
#